data_8DC4
#
_entry.id   8DC4
#
_cell.length_a   68.560
_cell.length_b   68.560
_cell.length_c   220.212
_cell.angle_alpha   90.000
_cell.angle_beta   90.000
_cell.angle_gamma   120.000
#
_symmetry.space_group_name_H-M   'P 31'
#
loop_
_entity.id
_entity.type
_entity.pdbx_description
1 polymer 'Cellular tumor antigen p53'
2 non-polymer 'ZINC ION'
3 non-polymer '9-propanoyl-9H-carbazole-3-carbaldehyde, bound form'
4 water water
#
_entity_poly.entity_id   1
_entity_poly.type   'polypeptide(L)'
_entity_poly.pdbx_seq_one_letter_code
;GAHMSSSVPSQKTYQGSYGFRLGFLHSGTAKSVTSTYSPALNKLFCQLAKTCPVQLWVDSTPPPGTRVRAMAIYKQSQHM
TEVVRRCPHHERSSDSDGLAPPQHLIRVEGNLRVEYLDDRNTFRHSVVVPCEPPEVGSDSTTIHYNYMCYSSCMGGMNRR
PILTIITLEDSSGNLLGRDSFEVRVSASPGRDRRTEEENLRKKGEPHHELPPGSTKRALPNNT
;
_entity_poly.pdbx_strand_id   B,A,C,D
#
loop_
_chem_comp.id
_chem_comp.type
_chem_comp.name
_chem_comp.formula
R3R non-polymer '9-propanoyl-9H-carbazole-3-carbaldehyde, bound form' 'C16 H13 N O2'
ZN non-polymer 'ZINC ION' 'Zn 2'
#
# COMPACT_ATOMS: atom_id res chain seq x y z
N MET A 4 -20.27 -0.58 14.15
CA MET A 4 -19.54 -1.69 13.53
C MET A 4 -19.86 -3.04 14.18
N SER A 5 -19.72 -3.14 15.52
CA SER A 5 -19.82 -4.41 16.23
C SER A 5 -21.17 -4.58 16.90
N SER A 6 -21.47 -5.83 17.25
CA SER A 6 -22.74 -6.20 17.83
C SER A 6 -22.71 -6.24 19.35
N SER A 7 -21.54 -6.13 19.97
CA SER A 7 -21.43 -6.12 21.41
C SER A 7 -20.48 -5.02 21.82
N VAL A 8 -20.38 -4.80 23.12
CA VAL A 8 -19.36 -3.91 23.66
C VAL A 8 -18.69 -4.66 24.81
N PRO A 9 -17.36 -4.71 24.86
CA PRO A 9 -16.70 -5.54 25.86
C PRO A 9 -16.75 -4.87 27.22
N SER A 10 -16.90 -5.70 28.24
CA SER A 10 -16.91 -5.15 29.58
C SER A 10 -15.56 -4.52 29.87
N GLN A 11 -15.61 -3.42 30.60
CA GLN A 11 -14.41 -2.69 30.96
C GLN A 11 -14.23 -2.66 32.46
N LYS A 12 -14.96 -3.50 33.19
CA LYS A 12 -14.85 -3.48 34.63
C LYS A 12 -13.45 -3.94 35.03
N THR A 13 -12.69 -3.04 35.63
CA THR A 13 -11.42 -3.42 36.22
C THR A 13 -11.65 -4.44 37.31
N TYR A 14 -10.87 -5.49 37.31
CA TYR A 14 -11.11 -6.66 38.14
C TYR A 14 -9.78 -7.33 38.40
N GLN A 15 -9.40 -7.49 39.67
CA GLN A 15 -8.07 -7.97 39.98
C GLN A 15 -8.00 -9.49 40.08
N GLY A 16 -9.11 -10.14 40.33
CA GLY A 16 -9.08 -11.58 40.21
C GLY A 16 -8.29 -12.24 41.31
N SER A 17 -8.32 -13.57 41.32
CA SER A 17 -7.77 -14.31 42.44
CA SER A 17 -7.76 -14.34 42.42
C SER A 17 -6.25 -14.17 42.58
N TYR A 18 -5.56 -13.61 41.58
CA TYR A 18 -4.11 -13.47 41.64
C TYR A 18 -3.65 -12.04 41.82
N GLY A 19 -4.55 -11.10 41.94
CA GLY A 19 -4.13 -9.74 42.12
C GLY A 19 -3.43 -9.22 40.89
N PHE A 20 -4.12 -9.26 39.77
CA PHE A 20 -3.55 -8.82 38.51
C PHE A 20 -3.69 -7.31 38.39
N ARG A 21 -2.58 -6.61 38.20
CA ARG A 21 -2.70 -5.20 37.87
C ARG A 21 -1.53 -4.78 36.99
N LEU A 22 -1.67 -3.60 36.39
CA LEU A 22 -0.75 -3.03 35.44
C LEU A 22 0.02 -1.89 36.10
N GLY A 23 1.28 -1.75 35.67
CA GLY A 23 2.13 -0.68 36.13
C GLY A 23 2.76 0.05 34.95
N PHE A 24 3.32 1.22 35.25
CA PHE A 24 3.91 2.06 34.24
C PHE A 24 5.15 2.70 34.81
N LEU A 25 5.94 3.25 33.91
CA LEU A 25 7.16 3.96 34.25
C LEU A 25 6.88 5.42 34.52
N HIS A 26 7.82 6.05 35.22
CA HIS A 26 7.71 7.46 35.53
C HIS A 26 8.61 8.19 34.57
N SER A 27 8.05 8.54 33.43
CA SER A 27 8.82 9.08 32.33
C SER A 27 8.94 10.58 32.40
N GLY A 28 7.93 11.24 32.95
CA GLY A 28 7.90 12.68 32.90
C GLY A 28 7.48 13.14 31.53
N THR A 29 7.31 14.45 31.40
CA THR A 29 6.75 15.05 30.21
C THR A 29 7.80 15.86 29.47
N ALA A 30 9.03 15.36 29.44
CA ALA A 30 10.04 16.01 28.63
C ALA A 30 9.67 15.92 27.17
N LYS A 31 10.27 16.80 26.38
CA LYS A 31 9.95 16.85 24.98
C LYS A 31 10.45 15.65 24.18
N SER A 32 11.34 14.82 24.74
CA SER A 32 11.93 13.75 23.96
C SER A 32 11.53 12.34 24.42
N VAL A 33 10.52 12.20 25.28
CA VAL A 33 10.07 10.88 25.73
C VAL A 33 9.21 10.21 24.65
N THR A 34 9.37 8.89 24.49
CA THR A 34 8.56 8.17 23.52
C THR A 34 7.19 7.76 24.08
N SER A 35 7.03 7.71 25.40
CA SER A 35 5.70 7.55 25.98
C SER A 35 5.74 7.96 27.44
N THR A 36 4.59 8.43 27.93
CA THR A 36 4.51 8.86 29.32
C THR A 36 3.10 8.65 29.81
N TYR A 37 2.97 8.22 31.07
CA TYR A 37 1.68 7.90 31.66
C TYR A 37 1.23 8.99 32.62
N SER A 38 -0.04 9.44 32.47
CA SER A 38 -0.62 10.42 33.38
C SER A 38 -1.40 9.75 34.49
N PRO A 39 -0.81 9.58 35.67
CA PRO A 39 -1.55 8.93 36.76
C PRO A 39 -2.89 9.57 37.04
N ALA A 40 -3.00 10.88 36.82
CA ALA A 40 -4.26 11.56 37.11
C ALA A 40 -5.30 11.28 36.05
N LEU A 41 -4.88 11.15 34.80
CA LEU A 41 -5.79 10.80 33.73
C LEU A 41 -5.98 9.31 33.59
N ASN A 42 -5.12 8.50 34.19
CA ASN A 42 -5.05 7.06 33.90
C ASN A 42 -5.04 6.88 32.39
N LYS A 43 -4.31 7.76 31.73
CA LYS A 43 -4.29 7.89 30.28
C LYS A 43 -2.84 7.95 29.86
N LEU A 44 -2.52 7.21 28.82
CA LEU A 44 -1.17 7.17 28.31
C LEU A 44 -1.03 8.09 27.11
N PHE A 45 0.06 8.82 27.03
CA PHE A 45 0.35 9.69 25.90
C PHE A 45 1.58 9.17 25.19
N CYS A 46 1.47 8.98 23.89
CA CYS A 46 2.54 8.33 23.17
C CYS A 46 2.55 8.76 21.71
N GLN A 47 3.67 8.48 21.07
CA GLN A 47 3.83 8.67 19.65
C GLN A 47 3.43 7.39 18.91
N LEU A 48 3.21 7.52 17.61
CA LEU A 48 2.77 6.43 16.76
C LEU A 48 3.91 5.48 16.43
N ALA A 49 3.76 4.21 16.79
CA ALA A 49 4.72 3.17 16.47
C ALA A 49 5.98 3.24 17.31
N LYS A 50 6.04 4.11 18.31
CA LYS A 50 7.17 4.11 19.23
C LYS A 50 6.88 3.19 20.40
N THR A 51 7.95 2.75 21.05
CA THR A 51 7.85 1.68 22.03
C THR A 51 7.20 2.16 23.31
N CYS A 52 6.22 1.42 23.78
CA CYS A 52 5.51 1.71 25.02
C CYS A 52 5.59 0.53 25.98
N PRO A 53 6.42 0.58 27.01
CA PRO A 53 6.49 -0.54 27.97
C PRO A 53 5.40 -0.48 29.02
N VAL A 54 4.74 -1.62 29.24
CA VAL A 54 3.72 -1.75 30.27
C VAL A 54 4.12 -2.91 31.17
N GLN A 55 4.04 -2.70 32.47
CA GLN A 55 4.42 -3.75 33.39
C GLN A 55 3.19 -4.47 33.90
N LEU A 56 3.36 -5.73 34.22
CA LEU A 56 2.36 -6.54 34.87
C LEU A 56 2.88 -6.99 36.21
N TRP A 57 1.94 -7.14 37.13
CA TRP A 57 2.18 -7.58 38.49
C TRP A 57 1.08 -8.54 38.88
N VAL A 58 1.49 -9.65 39.50
CA VAL A 58 0.60 -10.55 40.23
C VAL A 58 1.25 -10.83 41.57
N ASP A 59 0.46 -11.43 42.46
CA ASP A 59 0.87 -11.78 43.80
C ASP A 59 1.26 -13.23 43.93
N SER A 60 0.41 -14.11 43.40
CA SER A 60 0.56 -15.55 43.53
CA SER A 60 0.57 -15.55 43.54
C SER A 60 0.85 -16.15 42.17
N THR A 61 0.95 -17.48 42.13
CA THR A 61 1.33 -18.20 40.93
C THR A 61 0.12 -18.48 40.06
N PRO A 62 0.07 -17.99 38.83
CA PRO A 62 -1.04 -18.25 37.98
C PRO A 62 -0.85 -19.60 37.31
N PRO A 63 -1.90 -20.17 36.76
CA PRO A 63 -1.76 -21.44 36.09
C PRO A 63 -0.82 -21.33 34.91
N PRO A 64 -0.26 -22.44 34.46
CA PRO A 64 0.62 -22.41 33.29
C PRO A 64 -0.14 -22.14 32.00
N GLY A 65 0.61 -21.67 31.00
CA GLY A 65 -0.01 -21.43 29.71
C GLY A 65 -0.87 -20.20 29.66
N THR A 66 -0.64 -19.26 30.55
CA THR A 66 -1.41 -18.03 30.61
C THR A 66 -1.00 -17.07 29.50
N ARG A 67 -1.97 -16.31 29.02
CA ARG A 67 -1.82 -15.38 27.91
C ARG A 67 -2.38 -14.02 28.30
N VAL A 68 -1.76 -12.97 27.79
CA VAL A 68 -2.06 -11.59 28.13
CA VAL A 68 -2.08 -11.59 28.13
C VAL A 68 -2.48 -10.88 26.86
N ARG A 69 -3.70 -10.36 26.84
CA ARG A 69 -4.28 -9.84 25.61
C ARG A 69 -4.65 -8.38 25.78
N ALA A 70 -4.41 -7.61 24.72
CA ALA A 70 -4.74 -6.21 24.65
C ALA A 70 -5.78 -5.95 23.55
N MET A 71 -6.63 -4.96 23.83
CA MET A 71 -7.70 -4.51 22.94
C MET A 71 -7.92 -3.02 23.17
N ALA A 72 -8.51 -2.36 22.17
CA ALA A 72 -8.85 -0.94 22.24
C ALA A 72 -10.33 -0.74 21.98
N ILE A 73 -10.95 0.18 22.73
CA ILE A 73 -12.33 0.56 22.44
C ILE A 73 -12.49 2.06 22.61
N TYR A 74 -13.38 2.65 21.82
CA TYR A 74 -13.61 4.08 21.93
C TYR A 74 -14.22 4.42 23.27
N LYS A 75 -13.95 5.63 23.73
CA LYS A 75 -14.29 5.96 25.11
C LYS A 75 -15.74 6.37 25.27
N GLN A 76 -16.28 7.20 24.38
CA GLN A 76 -17.57 7.79 24.66
C GLN A 76 -18.71 6.83 24.37
N SER A 77 -19.79 6.99 25.11
CA SER A 77 -20.90 6.05 25.04
CA SER A 77 -20.89 6.04 25.04
C SER A 77 -21.40 5.85 23.61
N GLN A 78 -21.36 6.90 22.79
CA GLN A 78 -21.95 6.80 21.47
C GLN A 78 -21.07 6.10 20.44
N HIS A 79 -19.82 5.80 20.79
CA HIS A 79 -18.89 5.22 19.84
C HIS A 79 -18.40 3.85 20.22
N MET A 80 -18.87 3.28 21.31
CA MET A 80 -18.24 2.08 21.80
C MET A 80 -18.54 0.85 20.97
N THR A 81 -19.48 0.90 20.03
CA THR A 81 -19.70 -0.25 19.18
C THR A 81 -18.92 -0.22 17.90
N GLU A 82 -18.32 0.92 17.55
CA GLU A 82 -17.49 0.99 16.36
C GLU A 82 -16.17 0.31 16.65
N VAL A 83 -15.78 -0.59 15.77
CA VAL A 83 -14.50 -1.27 15.96
C VAL A 83 -13.38 -0.29 15.69
N VAL A 84 -12.37 -0.31 16.54
CA VAL A 84 -11.20 0.56 16.40
C VAL A 84 -10.20 -0.13 15.48
N ARG A 85 -9.76 0.57 14.45
CA ARG A 85 -8.88 0.01 13.45
C ARG A 85 -8.08 1.15 12.86
N ARG A 86 -7.01 0.80 12.15
CA ARG A 86 -6.22 1.85 11.54
C ARG A 86 -6.99 2.52 10.42
N CYS A 87 -6.59 3.73 10.09
CA CYS A 87 -7.28 4.46 9.07
C CYS A 87 -6.83 3.99 7.70
N PRO A 88 -7.59 4.30 6.66
CA PRO A 88 -7.22 3.83 5.31
C PRO A 88 -5.78 4.11 4.96
N HIS A 89 -5.29 5.30 5.27
CA HIS A 89 -3.93 5.66 4.93
C HIS A 89 -2.93 4.76 5.64
N HIS A 90 -3.06 4.64 6.97
CA HIS A 90 -2.06 3.91 7.73
C HIS A 90 -2.10 2.43 7.43
N GLU A 91 -3.29 1.85 7.38
CA GLU A 91 -3.43 0.44 7.03
C GLU A 91 -2.63 0.08 5.79
N ARG A 92 -2.62 0.95 4.78
CA ARG A 92 -1.92 0.71 3.53
C ARG A 92 -0.53 1.32 3.49
N SER A 93 0.17 1.39 4.62
N SER A 93 0.16 1.39 4.63
CA SER A 93 1.50 1.98 4.66
CA SER A 93 1.49 1.99 4.65
C SER A 93 2.61 0.97 4.45
C SER A 93 2.59 0.99 4.28
N SER A 94 2.28 -0.30 4.31
CA SER A 94 3.26 -1.34 3.98
C SER A 94 4.53 -1.16 4.81
N ASP A 95 4.36 -0.85 6.08
CA ASP A 95 5.41 -0.91 7.08
C ASP A 95 5.18 -2.04 8.07
N SER A 96 4.29 -2.97 7.71
CA SER A 96 3.93 -4.05 8.60
C SER A 96 5.18 -4.77 9.09
N ASP A 97 5.11 -5.31 10.30
CA ASP A 97 6.24 -6.01 10.85
C ASP A 97 6.31 -7.47 10.40
N GLY A 98 5.35 -7.94 9.61
CA GLY A 98 5.34 -9.35 9.25
C GLY A 98 4.48 -10.23 10.12
N LEU A 99 3.83 -9.70 11.12
CA LEU A 99 2.93 -10.43 12.00
C LEU A 99 1.62 -9.69 12.22
N ALA A 100 1.67 -8.43 12.33
CA ALA A 100 0.45 -7.75 12.68
C ALA A 100 -0.43 -7.59 11.45
N PRO A 101 -1.73 -7.81 11.61
CA PRO A 101 -2.66 -7.45 10.56
C PRO A 101 -2.50 -5.98 10.20
N PRO A 102 -2.39 -5.66 8.92
CA PRO A 102 -2.12 -4.27 8.53
C PRO A 102 -3.17 -3.30 9.03
N GLN A 103 -4.32 -3.77 9.48
CA GLN A 103 -5.35 -2.90 10.03
C GLN A 103 -5.37 -2.88 11.54
N HIS A 104 -4.47 -3.60 12.21
CA HIS A 104 -4.46 -3.64 13.66
C HIS A 104 -3.67 -2.46 14.24
N LEU A 105 -4.28 -1.78 15.20
CA LEU A 105 -3.73 -0.58 15.80
C LEU A 105 -2.62 -0.89 16.79
N ILE A 106 -2.80 -1.93 17.60
CA ILE A 106 -1.86 -2.26 18.66
C ILE A 106 -1.00 -3.42 18.19
N ARG A 107 0.30 -3.23 18.27
CA ARG A 107 1.29 -4.26 18.04
C ARG A 107 2.00 -4.55 19.34
N VAL A 108 2.54 -5.75 19.49
CA VAL A 108 3.47 -6.05 20.54
C VAL A 108 4.83 -6.16 19.88
N GLU A 109 5.79 -5.39 20.35
CA GLU A 109 7.09 -5.32 19.69
C GLU A 109 8.09 -6.19 20.43
N GLY A 110 8.85 -6.97 19.66
CA GLY A 110 9.94 -7.78 20.17
C GLY A 110 9.56 -9.14 20.73
N ASN A 111 8.39 -9.66 20.39
CA ASN A 111 7.95 -10.95 20.90
C ASN A 111 7.58 -11.82 19.73
N LEU A 112 8.23 -12.97 19.62
CA LEU A 112 7.97 -13.88 18.52
C LEU A 112 6.79 -14.81 18.78
N ARG A 113 6.19 -14.72 19.95
CA ARG A 113 5.04 -15.53 20.29
C ARG A 113 3.78 -14.69 20.39
N VAL A 114 3.75 -13.57 19.68
CA VAL A 114 2.55 -12.76 19.64
C VAL A 114 1.50 -13.46 18.79
N GLU A 115 0.25 -13.14 19.06
CA GLU A 115 -0.85 -13.74 18.34
C GLU A 115 -1.85 -12.64 18.08
N TYR A 116 -2.28 -12.54 16.84
CA TYR A 116 -3.28 -11.54 16.48
C TYR A 116 -4.57 -12.25 16.15
N LEU A 117 -5.66 -11.65 16.58
CA LEU A 117 -6.97 -12.21 16.37
C LEU A 117 -7.87 -11.13 15.80
N ASP A 118 -8.59 -11.48 14.75
CA ASP A 118 -9.76 -10.73 14.32
C ASP A 118 -10.93 -11.59 14.77
N ASP A 119 -11.82 -11.02 15.56
CA ASP A 119 -12.83 -11.84 16.19
C ASP A 119 -14.02 -11.96 15.25
N ARG A 120 -14.37 -13.21 14.91
CA ARG A 120 -15.34 -13.48 13.85
C ARG A 120 -16.75 -13.11 14.26
N ASN A 121 -17.01 -12.96 15.54
CA ASN A 121 -18.34 -12.61 16.01
C ASN A 121 -18.39 -11.20 16.54
N THR A 122 -17.36 -10.76 17.24
CA THR A 122 -17.28 -9.36 17.63
C THR A 122 -16.63 -8.53 16.56
N PHE A 123 -15.83 -9.12 15.69
CA PHE A 123 -15.12 -8.41 14.65
C PHE A 123 -14.03 -7.53 15.22
N ARG A 124 -13.67 -7.74 16.48
CA ARG A 124 -12.71 -6.86 17.12
C ARG A 124 -11.31 -7.46 17.06
N HIS A 125 -10.35 -6.59 16.75
CA HIS A 125 -8.95 -6.96 16.69
C HIS A 125 -8.38 -7.00 18.10
N SER A 126 -7.47 -7.95 18.33
CA SER A 126 -6.77 -8.00 19.60
C SER A 126 -5.42 -8.66 19.40
N VAL A 127 -4.48 -8.32 20.28
CA VAL A 127 -3.16 -8.95 20.24
C VAL A 127 -2.85 -9.53 21.62
N VAL A 128 -2.49 -10.80 21.66
CA VAL A 128 -2.25 -11.53 22.91
C VAL A 128 -0.91 -12.26 22.81
N VAL A 129 -0.17 -12.28 23.92
CA VAL A 129 1.13 -12.94 23.98
C VAL A 129 1.19 -13.83 25.22
N PRO A 130 2.19 -14.69 25.35
CA PRO A 130 2.27 -15.53 26.55
C PRO A 130 2.67 -14.69 27.74
N CYS A 131 2.22 -15.13 28.92
CA CYS A 131 2.57 -14.45 30.16
C CYS A 131 3.86 -15.04 30.72
N GLU A 132 4.88 -14.19 30.89
CA GLU A 132 6.18 -14.64 31.38
C GLU A 132 6.59 -13.90 32.65
N PRO A 133 7.22 -14.61 33.58
CA PRO A 133 7.54 -14.04 34.87
C PRO A 133 8.59 -12.96 34.76
N PRO A 134 8.76 -12.17 35.81
CA PRO A 134 9.74 -11.07 35.77
C PRO A 134 11.14 -11.61 35.65
N GLU A 135 11.97 -10.90 34.90
CA GLU A 135 13.35 -11.31 34.77
C GLU A 135 13.95 -11.52 36.15
N VAL A 136 15.06 -12.25 36.22
CA VAL A 136 15.76 -12.42 37.49
C VAL A 136 16.00 -11.04 38.09
N GLY A 137 15.88 -10.95 39.41
CA GLY A 137 16.08 -9.66 40.05
C GLY A 137 14.89 -8.72 39.93
N SER A 138 14.19 -8.76 38.81
CA SER A 138 13.05 -7.88 38.66
CA SER A 138 13.04 -7.88 38.65
C SER A 138 11.85 -8.44 39.41
N ASP A 139 10.75 -7.71 39.39
CA ASP A 139 9.55 -8.14 40.08
C ASP A 139 8.30 -7.90 39.26
N SER A 140 8.43 -7.49 38.00
CA SER A 140 7.28 -7.23 37.14
C SER A 140 7.65 -7.65 35.73
N THR A 141 6.63 -7.83 34.89
CA THR A 141 6.88 -8.22 33.51
C THR A 141 6.60 -7.04 32.60
N THR A 142 7.51 -6.73 31.69
CA THR A 142 7.32 -5.63 30.78
CA THR A 142 7.34 -5.62 30.78
C THR A 142 6.94 -6.16 29.41
N ILE A 143 5.88 -5.58 28.84
CA ILE A 143 5.46 -5.84 27.48
C ILE A 143 5.55 -4.56 26.68
N HIS A 144 6.19 -4.64 25.53
CA HIS A 144 6.43 -3.46 24.70
C HIS A 144 5.38 -3.39 23.60
N TYR A 145 4.45 -2.46 23.75
CA TYR A 145 3.37 -2.23 22.81
C TYR A 145 3.70 -1.09 21.86
N ASN A 146 2.95 -1.04 20.77
CA ASN A 146 3.00 0.07 19.82
C ASN A 146 1.58 0.38 19.35
N TYR A 147 1.36 1.65 19.04
CA TYR A 147 0.10 2.14 18.49
C TYR A 147 0.36 2.79 17.15
N MET A 148 -0.37 2.35 16.12
CA MET A 148 0.01 2.59 14.73
C MET A 148 -0.80 3.68 14.03
N CYS A 149 -1.64 4.41 14.77
CA CYS A 149 -2.37 5.56 14.24
C CYS A 149 -2.35 6.69 15.26
N TYR A 150 -2.36 7.92 14.78
CA TYR A 150 -2.53 9.07 15.67
C TYR A 150 -3.97 9.19 16.09
N SER A 151 -4.18 9.72 17.31
CA SER A 151 -5.56 9.88 17.78
C SER A 151 -6.38 10.74 16.82
N SER A 152 -5.74 11.65 16.10
CA SER A 152 -6.44 12.57 15.22
C SER A 152 -6.66 12.01 13.82
N CYS A 153 -6.43 10.73 13.60
CA CYS A 153 -6.55 10.21 12.23
C CYS A 153 -7.99 10.23 11.77
N MET A 154 -8.25 10.98 10.70
CA MET A 154 -9.54 10.94 10.07
C MET A 154 -9.74 9.57 9.43
N GLY A 155 -10.99 9.13 9.38
CA GLY A 155 -11.27 7.77 8.97
C GLY A 155 -10.77 6.72 9.93
N GLY A 156 -9.95 7.10 10.92
CA GLY A 156 -9.57 6.21 11.99
C GLY A 156 -10.36 6.62 13.19
N MET A 157 -9.72 6.89 14.33
CA MET A 157 -10.49 7.38 15.46
C MET A 157 -11.08 8.74 15.15
N ASN A 158 -10.35 9.54 14.40
CA ASN A 158 -10.81 10.87 14.04
C ASN A 158 -10.89 11.74 15.29
N ARG A 159 -9.91 11.61 16.18
CA ARG A 159 -9.92 12.36 17.41
C ARG A 159 -10.91 11.82 18.42
N ARG A 160 -11.10 10.55 18.42
CA ARG A 160 -11.96 10.02 19.46
C ARG A 160 -11.09 9.36 20.51
N PRO A 161 -11.25 9.69 21.80
CA PRO A 161 -10.43 9.02 22.82
CA PRO A 161 -10.43 9.02 22.82
C PRO A 161 -10.69 7.53 22.81
N ILE A 162 -9.75 6.77 23.35
CA ILE A 162 -9.89 5.33 23.42
C ILE A 162 -9.32 4.81 24.73
N LEU A 163 -9.77 3.61 25.08
CA LEU A 163 -9.29 2.84 26.19
C LEU A 163 -8.53 1.65 25.66
N THR A 164 -7.49 1.27 26.39
CA THR A 164 -6.78 0.02 26.17
C THR A 164 -7.18 -0.92 27.28
N ILE A 165 -7.73 -2.06 26.93
CA ILE A 165 -8.22 -3.04 27.89
C ILE A 165 -7.27 -4.21 27.81
N ILE A 166 -6.55 -4.45 28.88
CA ILE A 166 -5.67 -5.59 29.01
C ILE A 166 -6.34 -6.62 29.88
N THR A 167 -6.50 -7.83 29.35
CA THR A 167 -7.11 -8.93 30.08
C THR A 167 -6.13 -10.09 30.16
N LEU A 168 -6.05 -10.66 31.33
CA LEU A 168 -5.30 -11.88 31.53
C LEU A 168 -6.25 -13.05 31.31
N GLU A 169 -5.84 -14.06 30.54
CA GLU A 169 -6.64 -15.26 30.33
C GLU A 169 -5.78 -16.48 30.52
N ASP A 170 -6.43 -17.61 30.77
CA ASP A 170 -5.75 -18.90 30.85
C ASP A 170 -5.53 -19.49 29.46
N SER A 171 -4.85 -20.64 29.42
CA SER A 171 -4.62 -21.33 28.16
C SER A 171 -5.93 -21.57 27.40
N SER A 172 -6.99 -21.88 28.13
CA SER A 172 -8.28 -22.16 27.51
C SER A 172 -9.10 -20.92 27.23
N GLY A 173 -8.56 -19.73 27.54
CA GLY A 173 -9.16 -18.51 27.09
C GLY A 173 -10.10 -17.81 28.04
N ASN A 174 -10.16 -18.23 29.30
CA ASN A 174 -11.06 -17.65 30.29
C ASN A 174 -10.37 -16.58 31.13
N LEU A 175 -11.16 -15.63 31.63
CA LEU A 175 -10.71 -14.38 32.24
C LEU A 175 -10.17 -14.56 33.66
N LEU A 176 -8.99 -14.00 33.93
CA LEU A 176 -8.38 -14.02 35.25
C LEU A 176 -8.28 -12.64 35.89
N GLY A 177 -8.27 -11.61 35.07
CA GLY A 177 -8.24 -10.26 35.57
C GLY A 177 -8.20 -9.31 34.40
N ARG A 178 -8.65 -8.09 34.67
CA ARG A 178 -8.75 -7.06 33.65
C ARG A 178 -8.28 -5.75 34.26
N ASP A 179 -7.75 -4.88 33.40
CA ASP A 179 -7.34 -3.53 33.73
C ASP A 179 -7.35 -2.78 32.41
N SER A 180 -7.23 -1.46 32.47
CA SER A 180 -7.38 -0.67 31.27
C SER A 180 -6.76 0.70 31.50
N PHE A 181 -6.82 1.53 30.47
CA PHE A 181 -6.45 2.92 30.56
C PHE A 181 -6.84 3.56 29.24
N GLU A 182 -6.97 4.87 29.25
CA GLU A 182 -7.20 5.59 28.03
CA GLU A 182 -7.19 5.61 28.03
C GLU A 182 -5.86 5.87 27.36
N VAL A 183 -5.92 6.27 26.10
CA VAL A 183 -4.72 6.52 25.33
C VAL A 183 -4.97 7.72 24.44
N ARG A 184 -3.92 8.51 24.24
CA ARG A 184 -3.91 9.54 23.20
C ARG A 184 -2.61 9.42 22.43
N VAL A 185 -2.74 9.20 21.14
CA VAL A 185 -1.58 9.14 20.27
C VAL A 185 -1.46 10.45 19.53
N SER A 186 -0.26 11.01 19.57
CA SER A 186 0.09 12.22 18.88
C SER A 186 1.59 12.18 18.68
N ALA A 187 2.09 13.15 17.91
CA ALA A 187 3.53 13.21 17.70
C ALA A 187 4.30 13.78 18.89
N SER A 188 3.65 14.50 19.80
CA SER A 188 4.31 15.23 20.87
C SER A 188 3.66 14.89 22.21
N PRO A 189 3.91 13.68 22.74
CA PRO A 189 3.19 13.22 23.93
C PRO A 189 3.55 13.95 25.23
N GLY A 190 4.77 14.43 25.41
CA GLY A 190 5.09 15.09 26.66
C GLY A 190 4.32 16.38 26.82
N ARG A 191 4.25 17.17 25.74
CA ARG A 191 3.52 18.42 25.80
C ARG A 191 2.03 18.20 25.94
N ASP A 192 1.49 17.17 25.28
CA ASP A 192 0.07 16.90 25.43
C ASP A 192 -0.25 16.46 26.85
N ARG A 193 0.61 15.64 27.46
CA ARG A 193 0.33 15.22 28.83
C ARG A 193 0.35 16.40 29.76
N ARG A 194 1.37 17.24 29.62
CA ARG A 194 1.45 18.46 30.40
C ARG A 194 0.15 19.27 30.29
N THR A 195 -0.28 19.52 29.05
CA THR A 195 -1.45 20.37 28.84
C THR A 195 -2.71 19.72 29.36
N GLU A 196 -2.87 18.42 29.17
CA GLU A 196 -4.09 17.79 29.64
C GLU A 196 -4.16 17.77 31.15
N GLU A 197 -3.02 17.64 31.82
CA GLU A 197 -3.10 17.69 33.27
C GLU A 197 -3.36 19.12 33.74
N GLU A 198 -2.85 20.11 33.02
CA GLU A 198 -3.15 21.48 33.36
C GLU A 198 -4.65 21.72 33.38
N ASN A 199 -5.35 21.29 32.34
CA ASN A 199 -6.79 21.54 32.20
C ASN A 199 -7.61 20.93 33.31
N LEU A 200 -6.99 20.16 34.17
CA LEU A 200 -7.67 19.42 35.19
C LEU A 200 -8.33 20.34 36.21
N MET B 4 12.26 -3.91 -20.02
CA MET B 4 11.29 -2.82 -19.85
C MET B 4 11.27 -1.81 -21.01
N SER B 5 12.43 -1.17 -21.27
CA SER B 5 12.56 -0.05 -22.21
C SER B 5 13.32 -0.40 -23.49
N SER B 6 13.14 0.44 -24.50
CA SER B 6 13.77 0.29 -25.81
C SER B 6 15.05 1.09 -25.95
N SER B 7 15.38 1.93 -24.97
CA SER B 7 16.59 2.72 -25.06
C SER B 7 17.33 2.65 -23.74
N VAL B 8 18.57 3.11 -23.79
CA VAL B 8 19.37 3.30 -22.59
C VAL B 8 19.97 4.70 -22.72
N PRO B 9 19.84 5.53 -21.70
CA PRO B 9 20.28 6.92 -21.81
C PRO B 9 21.78 7.06 -21.67
N SER B 10 22.34 8.00 -22.41
CA SER B 10 23.77 8.22 -22.31
C SER B 10 24.15 8.76 -20.94
N GLN B 11 25.30 8.36 -20.44
CA GLN B 11 25.76 8.80 -19.14
C GLN B 11 27.05 9.58 -19.22
N LYS B 12 27.44 10.00 -20.42
CA LYS B 12 28.72 10.69 -20.59
C LYS B 12 28.70 12.00 -19.83
N THR B 13 29.59 12.11 -18.85
CA THR B 13 29.79 13.37 -18.18
C THR B 13 30.15 14.43 -19.20
N TYR B 14 29.50 15.58 -19.11
CA TYR B 14 29.57 16.60 -20.14
C TYR B 14 29.32 17.92 -19.46
N GLN B 15 30.30 18.80 -19.48
CA GLN B 15 30.24 19.99 -18.65
C GLN B 15 29.62 21.14 -19.38
N GLY B 16 29.71 21.15 -20.69
CA GLY B 16 29.00 22.10 -21.48
C GLY B 16 29.61 23.48 -21.39
N SER B 17 28.97 24.40 -22.10
CA SER B 17 29.43 25.78 -22.16
CA SER B 17 29.46 25.77 -22.15
C SER B 17 29.35 26.47 -20.81
N TYR B 18 28.67 25.89 -19.83
CA TYR B 18 28.55 26.50 -18.53
C TYR B 18 29.29 25.77 -17.45
N GLY B 19 30.04 24.72 -17.79
CA GLY B 19 30.81 24.03 -16.79
C GLY B 19 29.91 23.38 -15.78
N PHE B 20 29.05 22.48 -16.21
CA PHE B 20 28.10 21.87 -15.30
C PHE B 20 28.76 20.74 -14.53
N ARG B 21 28.78 20.84 -13.19
CA ARG B 21 29.25 19.71 -12.39
C ARG B 21 28.51 19.63 -11.06
N LEU B 22 28.68 18.51 -10.38
CA LEU B 22 28.03 18.20 -9.11
C LEU B 22 29.01 18.22 -7.96
N GLY B 23 28.50 18.62 -6.79
CA GLY B 23 29.27 18.61 -5.58
C GLY B 23 28.50 17.88 -4.49
N PHE B 24 29.22 17.54 -3.42
CA PHE B 24 28.67 16.76 -2.31
C PHE B 24 29.25 17.24 -1.00
N LEU B 25 28.63 16.80 0.07
CA LEU B 25 29.16 17.14 1.38
C LEU B 25 30.19 16.13 1.80
N HIS B 26 31.04 16.55 2.72
CA HIS B 26 32.04 15.69 3.31
C HIS B 26 31.56 15.43 4.73
N SER B 27 30.75 14.36 4.87
CA SER B 27 29.99 14.04 6.07
C SER B 27 30.71 13.09 7.01
N GLY B 28 31.62 12.28 6.49
CA GLY B 28 32.22 11.25 7.28
C GLY B 28 31.38 10.00 7.37
N THR B 29 31.95 9.02 8.04
CA THR B 29 31.39 7.67 8.13
C THR B 29 30.95 7.36 9.55
N ALA B 30 30.40 8.36 10.24
CA ALA B 30 29.88 8.16 11.57
C ALA B 30 28.71 7.20 11.56
N LYS B 31 28.40 6.67 12.74
CA LYS B 31 27.32 5.69 12.83
C LYS B 31 25.96 6.32 12.60
N SER B 32 25.85 7.63 12.65
CA SER B 32 24.58 8.32 12.55
C SER B 32 24.44 9.15 11.28
N VAL B 33 25.30 8.95 10.28
CA VAL B 33 25.18 9.70 9.05
C VAL B 33 24.01 9.16 8.22
N THR B 34 23.18 10.07 7.70
CA THR B 34 22.02 9.69 6.89
C THR B 34 22.36 9.56 5.42
N SER B 35 23.46 10.16 4.98
CA SER B 35 23.98 9.93 3.64
C SER B 35 25.43 10.37 3.61
N THR B 36 26.21 9.69 2.78
CA THR B 36 27.64 9.95 2.64
C THR B 36 28.11 9.51 1.26
N TYR B 37 28.96 10.32 0.63
CA TYR B 37 29.46 10.11 -0.72
C TYR B 37 30.90 9.65 -0.73
N SER B 38 31.19 8.59 -1.47
CA SER B 38 32.54 8.12 -1.65
C SER B 38 33.16 8.73 -2.89
N PRO B 39 34.00 9.74 -2.69
CA PRO B 39 34.73 10.36 -3.80
C PRO B 39 35.57 9.38 -4.56
N ALA B 40 36.09 8.35 -3.90
CA ALA B 40 36.92 7.40 -4.59
C ALA B 40 36.07 6.44 -5.40
N LEU B 41 34.93 6.06 -4.85
CA LEU B 41 34.00 5.20 -5.53
C LEU B 41 33.09 5.96 -6.48
N ASN B 42 33.03 7.28 -6.36
CA ASN B 42 32.01 8.10 -7.01
C ASN B 42 30.65 7.51 -6.75
N LYS B 43 30.42 7.10 -5.52
CA LYS B 43 29.23 6.34 -5.20
C LYS B 43 28.58 6.94 -3.97
N LEU B 44 27.27 7.11 -4.02
CA LEU B 44 26.54 7.66 -2.89
C LEU B 44 25.91 6.56 -2.04
N PHE B 45 26.02 6.70 -0.72
CA PHE B 45 25.44 5.82 0.27
C PHE B 45 24.41 6.59 1.07
N CYS B 46 23.23 6.03 1.26
CA CYS B 46 22.18 6.80 1.90
C CYS B 46 21.20 5.89 2.60
N GLN B 47 20.40 6.50 3.44
CA GLN B 47 19.30 5.82 4.08
C GLN B 47 18.04 5.97 3.22
N LEU B 48 17.06 5.14 3.50
CA LEU B 48 15.84 5.15 2.70
C LEU B 48 14.97 6.34 3.12
N ALA B 49 14.67 7.23 2.17
CA ALA B 49 13.80 8.37 2.42
C ALA B 49 14.47 9.46 3.24
N LYS B 50 15.75 9.33 3.51
CA LYS B 50 16.47 10.38 4.21
C LYS B 50 16.97 11.39 3.19
N THR B 51 17.29 12.57 3.69
CA THR B 51 17.66 13.69 2.84
C THR B 51 19.07 13.51 2.30
N CYS B 52 19.21 13.63 0.98
CA CYS B 52 20.49 13.54 0.29
C CYS B 52 20.73 14.85 -0.46
N PRO B 53 21.51 15.78 0.06
CA PRO B 53 21.72 17.03 -0.66
C PRO B 53 22.79 16.86 -1.74
N VAL B 54 22.48 17.34 -2.94
CA VAL B 54 23.42 17.33 -4.05
C VAL B 54 23.61 18.76 -4.48
N GLN B 55 24.85 19.18 -4.67
CA GLN B 55 25.13 20.55 -5.04
C GLN B 55 25.42 20.63 -6.52
N LEU B 56 25.13 21.78 -7.09
CA LEU B 56 25.43 22.05 -8.48
C LEU B 56 26.44 23.17 -8.55
N TRP B 57 27.25 23.13 -9.60
CA TRP B 57 28.26 24.14 -9.81
C TRP B 57 28.30 24.45 -11.30
N VAL B 58 28.35 25.74 -11.63
CA VAL B 58 28.64 26.19 -12.99
C VAL B 58 29.62 27.34 -12.95
N ASP B 59 30.17 27.65 -14.12
CA ASP B 59 31.20 28.67 -14.27
C ASP B 59 30.66 29.98 -14.79
N SER B 60 29.53 29.97 -15.49
CA SER B 60 28.98 31.17 -16.08
CA SER B 60 28.98 31.16 -16.10
C SER B 60 27.48 31.21 -15.83
N THR B 61 26.86 32.30 -16.26
CA THR B 61 25.43 32.52 -16.06
C THR B 61 24.62 31.73 -17.07
N PRO B 62 23.73 30.86 -16.64
CA PRO B 62 22.96 30.07 -17.55
C PRO B 62 21.79 30.86 -18.09
N PRO B 63 21.19 30.41 -19.18
CA PRO B 63 20.00 31.07 -19.69
C PRO B 63 18.87 30.93 -18.68
N PRO B 64 17.86 31.77 -18.77
CA PRO B 64 16.71 31.63 -17.89
C PRO B 64 15.86 30.41 -18.22
N GLY B 65 15.13 29.93 -17.21
CA GLY B 65 14.28 28.79 -17.43
C GLY B 65 15.02 27.48 -17.56
N THR B 66 16.23 27.41 -17.02
CA THR B 66 16.99 26.17 -17.03
C THR B 66 16.47 25.24 -15.95
N ARG B 67 16.48 23.96 -16.24
CA ARG B 67 15.92 22.98 -15.33
C ARG B 67 16.95 21.89 -15.15
N VAL B 68 16.83 21.15 -14.05
CA VAL B 68 17.73 20.06 -13.75
CA VAL B 68 17.74 20.07 -13.74
C VAL B 68 16.91 18.82 -13.45
N ARG B 69 17.23 17.73 -14.14
CA ARG B 69 16.46 16.51 -14.09
C ARG B 69 17.32 15.33 -13.67
N ALA B 70 16.77 14.48 -12.81
CA ALA B 70 17.43 13.28 -12.32
C ALA B 70 16.70 12.03 -12.80
N MET B 71 17.50 10.99 -13.09
CA MET B 71 16.97 9.71 -13.54
C MET B 71 17.91 8.60 -13.11
N ALA B 72 17.39 7.38 -13.01
CA ALA B 72 18.16 6.22 -12.56
C ALA B 72 18.21 5.11 -13.59
N ILE B 73 19.37 4.47 -13.72
CA ILE B 73 19.52 3.31 -14.59
C ILE B 73 20.37 2.26 -13.88
N TYR B 74 20.13 1.00 -14.19
CA TYR B 74 20.96 -0.04 -13.60
C TYR B 74 22.37 0.04 -14.17
N LYS B 75 23.34 -0.37 -13.37
CA LYS B 75 24.72 -0.11 -13.73
C LYS B 75 25.24 -1.13 -14.73
N GLN B 76 24.83 -2.40 -14.59
CA GLN B 76 25.40 -3.46 -15.41
C GLN B 76 24.79 -3.49 -16.81
N SER B 77 25.65 -3.64 -17.81
CA SER B 77 25.17 -3.72 -19.19
CA SER B 77 25.16 -3.71 -19.19
C SER B 77 24.00 -4.67 -19.32
N GLN B 78 24.03 -5.79 -18.60
N GLN B 78 24.04 -5.81 -18.62
CA GLN B 78 23.00 -6.81 -18.71
CA GLN B 78 22.99 -6.81 -18.73
C GLN B 78 21.71 -6.44 -17.98
C GLN B 78 21.66 -6.34 -18.13
N HIS B 79 21.67 -5.26 -17.34
CA HIS B 79 20.45 -4.78 -16.71
C HIS B 79 20.02 -3.39 -17.12
N MET B 80 20.79 -2.68 -17.93
CA MET B 80 20.52 -1.25 -18.09
C MET B 80 19.46 -0.96 -19.11
N THR B 81 18.63 -1.93 -19.46
CA THR B 81 17.47 -1.67 -20.30
C THR B 81 16.15 -1.79 -19.55
N GLU B 82 16.17 -2.34 -18.34
CA GLU B 82 15.01 -2.39 -17.47
C GLU B 82 14.83 -1.05 -16.78
N VAL B 83 13.59 -0.61 -16.69
CA VAL B 83 13.32 0.64 -15.99
C VAL B 83 13.55 0.45 -14.52
N VAL B 84 14.16 1.45 -13.91
CA VAL B 84 14.40 1.46 -12.47
C VAL B 84 13.17 2.08 -11.80
N ARG B 85 12.57 1.35 -10.87
CA ARG B 85 11.35 1.77 -10.21
C ARG B 85 11.28 1.11 -8.84
N ARG B 86 10.41 1.63 -7.98
CA ARG B 86 10.28 1.06 -6.65
C ARG B 86 9.69 -0.35 -6.73
N CYS B 87 9.92 -1.11 -5.68
CA CYS B 87 9.42 -2.47 -5.60
C CYS B 87 7.94 -2.47 -5.25
N PRO B 88 7.26 -3.59 -5.52
CA PRO B 88 5.81 -3.66 -5.28
C PRO B 88 5.39 -3.23 -3.89
N HIS B 89 6.13 -3.65 -2.87
CA HIS B 89 5.74 -3.32 -1.52
C HIS B 89 5.64 -1.82 -1.36
N HIS B 90 6.67 -1.10 -1.81
CA HIS B 90 6.67 0.34 -1.61
C HIS B 90 5.72 1.04 -2.55
N GLU B 91 5.74 0.67 -3.82
CA GLU B 91 4.79 1.22 -4.77
C GLU B 91 3.37 1.16 -4.22
N ARG B 92 3.07 0.11 -3.45
CA ARG B 92 1.76 0.02 -2.83
C ARG B 92 1.72 0.84 -1.56
N SER B 93 2.85 0.96 -0.86
N SER B 93 2.85 0.94 -0.85
CA SER B 93 2.92 1.51 0.48
CA SER B 93 2.93 1.50 0.49
C SER B 93 2.06 2.75 0.68
C SER B 93 2.10 2.77 0.68
N SER B 94 1.59 3.36 -0.41
CA SER B 94 0.83 4.60 -0.31
C SER B 94 1.58 5.61 0.57
N ASP B 95 2.88 5.69 0.36
CA ASP B 95 3.70 6.67 1.05
C ASP B 95 4.09 7.81 0.14
N SER B 96 3.47 7.92 -1.02
CA SER B 96 3.76 9.07 -1.85
C SER B 96 3.42 10.32 -1.04
N ASP B 97 4.17 11.39 -1.28
CA ASP B 97 4.02 12.61 -0.51
C ASP B 97 2.89 13.49 -0.99
N GLY B 98 2.12 13.03 -1.97
CA GLY B 98 1.14 13.86 -2.61
C GLY B 98 1.59 14.46 -3.91
N LEU B 99 2.82 14.23 -4.30
CA LEU B 99 3.33 14.70 -5.58
C LEU B 99 4.04 13.60 -6.35
N ALA B 100 4.81 12.79 -5.70
CA ALA B 100 5.54 11.84 -6.52
C ALA B 100 4.66 10.64 -6.87
N PRO B 101 4.71 10.19 -8.10
CA PRO B 101 4.08 8.92 -8.45
C PRO B 101 4.60 7.81 -7.58
N PRO B 102 3.72 7.03 -6.96
CA PRO B 102 4.19 6.05 -5.96
C PRO B 102 5.22 5.07 -6.47
N GLN B 103 5.41 4.95 -7.78
CA GLN B 103 6.35 4.01 -8.36
C GLN B 103 7.67 4.63 -8.72
N HIS B 104 7.88 5.90 -8.42
CA HIS B 104 9.15 6.56 -8.74
C HIS B 104 10.16 6.31 -7.64
N LEU B 105 11.41 6.08 -8.04
CA LEU B 105 12.43 5.79 -7.04
C LEU B 105 12.91 7.03 -6.32
N ILE B 106 13.15 8.10 -7.06
CA ILE B 106 13.76 9.33 -6.54
C ILE B 106 12.69 10.41 -6.39
N ARG B 107 12.61 11.01 -5.21
CA ARG B 107 11.80 12.18 -4.95
C ARG B 107 12.69 13.38 -4.70
N VAL B 108 12.17 14.58 -4.93
CA VAL B 108 12.81 15.81 -4.48
C VAL B 108 12.00 16.39 -3.33
N GLU B 109 12.65 16.63 -2.20
CA GLU B 109 11.96 17.05 -1.00
C GLU B 109 12.08 18.55 -0.77
N GLY B 110 10.96 19.16 -0.38
CA GLY B 110 10.93 20.55 0.00
C GLY B 110 10.83 21.53 -1.14
N ASN B 111 10.40 21.11 -2.31
CA ASN B 111 10.24 22.00 -3.44
C ASN B 111 8.84 21.82 -3.99
N LEU B 112 8.07 22.88 -3.97
CA LEU B 112 6.70 22.85 -4.43
C LEU B 112 6.60 22.99 -5.93
N ARG B 113 7.72 23.13 -6.60
CA ARG B 113 7.73 23.28 -8.04
C ARG B 113 8.37 22.09 -8.72
N VAL B 114 8.38 20.92 -8.05
CA VAL B 114 8.90 19.72 -8.67
C VAL B 114 7.89 19.22 -9.68
N GLU B 115 8.39 18.48 -10.66
CA GLU B 115 7.58 17.93 -11.72
C GLU B 115 8.04 16.50 -11.92
N TYR B 116 7.09 15.58 -12.00
CA TYR B 116 7.39 14.17 -12.18
C TYR B 116 6.99 13.74 -13.57
N LEU B 117 7.80 12.87 -14.18
CA LEU B 117 7.58 12.46 -15.56
C LEU B 117 7.62 10.95 -15.68
N ASP B 118 6.62 10.38 -16.37
CA ASP B 118 6.66 9.05 -16.97
C ASP B 118 6.83 9.23 -18.47
N ASP B 119 7.85 8.61 -19.06
CA ASP B 119 8.19 8.83 -20.45
C ASP B 119 7.49 7.82 -21.36
N ARG B 120 6.78 8.34 -22.37
CA ARG B 120 5.90 7.51 -23.19
C ARG B 120 6.65 6.59 -24.14
N ASN B 121 7.90 6.88 -24.45
CA ASN B 121 8.64 6.06 -25.41
C ASN B 121 9.79 5.31 -24.80
N THR B 122 10.52 5.94 -23.88
CA THR B 122 11.55 5.26 -23.12
C THR B 122 10.98 4.56 -21.91
N PHE B 123 9.85 5.01 -21.40
CA PHE B 123 9.22 4.45 -20.21
C PHE B 123 9.99 4.77 -18.95
N ARG B 124 10.91 5.70 -18.99
CA ARG B 124 11.78 5.96 -17.85
C ARG B 124 11.20 7.08 -16.98
N HIS B 125 11.27 6.87 -15.66
CA HIS B 125 10.82 7.85 -14.67
C HIS B 125 11.86 8.95 -14.53
N SER B 126 11.40 10.17 -14.28
CA SER B 126 12.36 11.20 -13.98
C SER B 126 11.72 12.28 -13.13
N VAL B 127 12.55 12.99 -12.38
CA VAL B 127 12.10 14.09 -11.56
C VAL B 127 12.88 15.33 -11.93
N VAL B 128 12.19 16.45 -12.16
CA VAL B 128 12.82 17.66 -12.66
C VAL B 128 12.38 18.84 -11.80
N VAL B 129 13.32 19.76 -11.54
CA VAL B 129 13.03 21.01 -10.86
C VAL B 129 13.70 22.16 -11.61
N PRO B 130 13.33 23.39 -11.32
CA PRO B 130 14.02 24.53 -11.93
C PRO B 130 15.35 24.79 -11.27
N CYS B 131 16.28 25.32 -12.04
CA CYS B 131 17.58 25.66 -11.50
C CYS B 131 17.54 27.07 -10.91
N GLU B 132 17.88 27.18 -9.63
CA GLU B 132 17.86 28.41 -8.86
C GLU B 132 19.24 28.75 -8.31
N PRO B 133 19.57 30.03 -8.25
CA PRO B 133 20.89 30.42 -7.84
C PRO B 133 21.16 30.03 -6.41
N PRO B 134 22.41 30.04 -5.98
CA PRO B 134 22.73 29.65 -4.62
C PRO B 134 22.21 30.68 -3.65
N GLU B 135 21.80 30.21 -2.46
CA GLU B 135 21.40 31.14 -1.43
C GLU B 135 22.50 32.18 -1.30
N VAL B 136 22.18 33.35 -0.75
CA VAL B 136 23.20 34.36 -0.55
C VAL B 136 24.35 33.76 0.23
N GLY B 137 25.56 34.15 -0.13
CA GLY B 137 26.73 33.57 0.51
C GLY B 137 27.10 32.20 0.00
N SER B 138 26.11 31.42 -0.39
CA SER B 138 26.36 30.08 -0.89
CA SER B 138 26.36 30.08 -0.89
C SER B 138 26.93 30.15 -2.30
N ASP B 139 27.95 29.34 -2.56
CA ASP B 139 28.54 29.29 -3.89
C ASP B 139 27.98 28.16 -4.74
N SER B 140 27.00 27.43 -4.23
CA SER B 140 26.39 26.32 -4.95
C SER B 140 24.90 26.25 -4.60
N THR B 141 24.16 25.48 -5.41
CA THR B 141 22.75 25.24 -5.19
C THR B 141 22.57 23.78 -4.81
N THR B 142 21.98 23.53 -3.65
CA THR B 142 21.75 22.19 -3.18
C THR B 142 20.32 21.75 -3.49
N ILE B 143 20.17 20.46 -3.79
CA ILE B 143 18.89 19.82 -4.00
C ILE B 143 18.80 18.62 -3.08
N HIS B 144 17.71 18.51 -2.35
CA HIS B 144 17.57 17.48 -1.34
C HIS B 144 16.79 16.35 -1.97
N TYR B 145 17.47 15.27 -2.33
CA TYR B 145 16.89 14.12 -2.97
C TYR B 145 16.53 13.06 -1.95
N ASN B 146 15.69 12.13 -2.36
CA ASN B 146 15.38 10.96 -1.56
C ASN B 146 15.27 9.74 -2.45
N TYR B 147 15.61 8.59 -1.92
CA TYR B 147 15.53 7.32 -2.65
C TYR B 147 14.57 6.39 -1.94
N MET B 148 13.58 5.90 -2.67
CA MET B 148 12.39 5.36 -2.04
C MET B 148 12.37 3.87 -1.96
N CYS B 149 13.43 3.21 -2.41
CA CYS B 149 13.57 1.77 -2.31
C CYS B 149 15.01 1.42 -1.95
N TYR B 150 15.16 0.33 -1.22
CA TYR B 150 16.47 -0.21 -0.91
C TYR B 150 17.14 -0.87 -2.10
N SER B 151 18.45 -0.76 -2.16
CA SER B 151 19.16 -1.44 -3.24
C SER B 151 18.93 -2.95 -3.17
N SER B 152 18.68 -3.48 -1.98
CA SER B 152 18.43 -4.90 -1.81
C SER B 152 16.97 -5.27 -1.98
N CYS B 153 16.14 -4.35 -2.45
CA CYS B 153 14.72 -4.61 -2.53
C CYS B 153 14.46 -5.68 -3.58
N MET B 154 13.87 -6.79 -3.17
CA MET B 154 13.41 -7.78 -4.12
C MET B 154 12.20 -7.24 -4.88
N GLY B 155 12.06 -7.67 -6.13
CA GLY B 155 11.08 -7.05 -6.98
C GLY B 155 11.41 -5.63 -7.30
N GLY B 156 12.40 -5.05 -6.62
CA GLY B 156 12.95 -3.76 -6.98
C GLY B 156 14.34 -3.87 -7.58
N MET B 157 15.30 -3.12 -7.03
CA MET B 157 16.67 -3.18 -7.53
C MET B 157 17.27 -4.55 -7.32
N ASN B 158 16.85 -5.27 -6.30
N ASN B 158 16.81 -5.30 -6.33
CA ASN B 158 17.27 -6.65 -6.16
CA ASN B 158 17.28 -6.67 -6.12
C ASN B 158 18.78 -6.75 -5.97
C ASN B 158 18.80 -6.73 -6.03
N ARG B 159 19.37 -5.74 -5.34
CA ARG B 159 20.82 -5.66 -5.15
C ARG B 159 21.55 -5.33 -6.43
N ARG B 160 20.95 -4.57 -7.32
CA ARG B 160 21.64 -4.21 -8.54
C ARG B 160 22.14 -2.78 -8.46
N PRO B 161 23.46 -2.54 -8.53
CA PRO B 161 23.96 -1.17 -8.39
CA PRO B 161 23.96 -1.17 -8.39
C PRO B 161 23.40 -0.27 -9.47
N ILE B 162 22.92 0.91 -9.06
CA ILE B 162 22.32 1.83 -10.00
C ILE B 162 23.15 3.11 -10.06
N LEU B 163 22.94 3.85 -11.15
CA LEU B 163 23.48 5.18 -11.35
C LEU B 163 22.36 6.19 -11.39
N THR B 164 22.63 7.36 -10.83
CA THR B 164 21.79 8.54 -10.98
C THR B 164 22.48 9.49 -11.93
N ILE B 165 21.79 9.86 -13.00
CA ILE B 165 22.30 10.78 -14.01
C ILE B 165 21.50 12.04 -13.84
N ILE B 166 22.21 13.11 -13.50
CA ILE B 166 21.62 14.43 -13.38
C ILE B 166 22.05 15.24 -14.58
N THR B 167 21.09 15.63 -15.40
CA THR B 167 21.39 16.43 -16.56
CA THR B 167 21.37 16.41 -16.58
C THR B 167 20.73 17.78 -16.44
N LEU B 168 21.45 18.79 -16.85
CA LEU B 168 20.96 20.14 -16.96
C LEU B 168 20.31 20.29 -18.33
N GLU B 169 19.15 20.95 -18.38
CA GLU B 169 18.45 21.21 -19.63
C GLU B 169 18.05 22.66 -19.75
N ASP B 170 17.79 23.09 -20.99
CA ASP B 170 17.16 24.37 -21.16
C ASP B 170 15.65 24.22 -20.94
N SER B 171 14.95 25.35 -20.92
CA SER B 171 13.50 25.32 -20.78
C SER B 171 12.87 24.42 -21.81
N SER B 172 13.42 24.39 -23.02
CA SER B 172 12.86 23.65 -24.15
C SER B 172 13.25 22.17 -24.17
N GLY B 173 14.00 21.71 -23.19
CA GLY B 173 14.28 20.30 -23.00
C GLY B 173 15.56 19.76 -23.59
N ASN B 174 16.45 20.63 -24.07
CA ASN B 174 17.69 20.23 -24.70
C ASN B 174 18.84 20.26 -23.69
N LEU B 175 19.86 19.46 -23.96
CA LEU B 175 20.90 19.18 -22.98
C LEU B 175 21.87 20.35 -22.83
N LEU B 176 22.18 20.68 -21.58
CA LEU B 176 23.16 21.68 -21.20
C LEU B 176 24.35 21.12 -20.44
N GLY B 177 24.20 19.96 -19.82
CA GLY B 177 25.32 19.31 -19.17
C GLY B 177 24.83 18.04 -18.52
N ARG B 178 25.76 17.13 -18.31
CA ARG B 178 25.45 15.83 -17.73
C ARG B 178 26.52 15.44 -16.73
N ASP B 179 26.10 14.69 -15.71
CA ASP B 179 26.99 14.11 -14.72
C ASP B 179 26.21 12.99 -14.05
N SER B 180 26.91 12.14 -13.30
CA SER B 180 26.25 10.97 -12.74
C SER B 180 27.08 10.46 -11.57
N PHE B 181 26.55 9.44 -10.88
CA PHE B 181 27.25 8.82 -9.77
C PHE B 181 26.49 7.58 -9.37
N GLU B 182 27.21 6.64 -8.79
CA GLU B 182 26.57 5.42 -8.33
C GLU B 182 25.97 5.66 -6.96
N VAL B 183 25.04 4.80 -6.61
CA VAL B 183 24.27 4.93 -5.38
C VAL B 183 24.12 3.58 -4.73
N ARG B 184 24.12 3.58 -3.40
CA ARG B 184 23.66 2.43 -2.64
C ARG B 184 22.79 2.91 -1.50
N VAL B 185 21.57 2.41 -1.44
CA VAL B 185 20.65 2.70 -0.36
C VAL B 185 20.65 1.53 0.61
N SER B 186 20.84 1.85 1.88
CA SER B 186 20.83 0.86 2.94
C SER B 186 20.46 1.56 4.21
N ALA B 187 20.30 0.79 5.27
CA ALA B 187 20.07 1.37 6.58
C ALA B 187 21.34 1.93 7.18
N SER B 188 22.51 1.51 6.69
CA SER B 188 23.79 1.83 7.32
C SER B 188 24.73 2.42 6.28
N PRO B 189 24.50 3.67 5.86
CA PRO B 189 25.32 4.23 4.78
C PRO B 189 26.76 4.51 5.19
N GLY B 190 27.00 4.96 6.42
CA GLY B 190 28.36 5.30 6.82
C GLY B 190 29.24 4.07 6.94
N ARG B 191 28.75 3.03 7.59
CA ARG B 191 29.52 1.82 7.73
C ARG B 191 29.73 1.14 6.40
N ASP B 192 28.73 1.23 5.52
CA ASP B 192 28.84 0.62 4.20
C ASP B 192 29.91 1.33 3.37
N ARG B 193 29.96 2.66 3.41
CA ARG B 193 31.00 3.38 2.65
C ARG B 193 32.37 3.07 3.21
N ARG B 194 32.50 3.12 4.54
CA ARG B 194 33.77 2.76 5.15
C ARG B 194 34.26 1.42 4.59
N THR B 195 33.40 0.40 4.63
CA THR B 195 33.86 -0.93 4.23
C THR B 195 34.17 -1.01 2.74
N GLU B 196 33.36 -0.38 1.89
CA GLU B 196 33.65 -0.50 0.48
C GLU B 196 34.95 0.19 0.13
N GLU B 197 35.30 1.28 0.83
CA GLU B 197 36.57 1.92 0.52
C GLU B 197 37.72 1.10 1.05
N GLU B 198 37.48 0.36 2.12
CA GLU B 198 38.49 -0.56 2.61
C GLU B 198 38.98 -1.50 1.52
N ASN B 199 38.05 -2.08 0.77
CA ASN B 199 38.29 -3.09 -0.24
C ASN B 199 39.24 -2.64 -1.34
N LEU B 200 39.66 -1.39 -1.31
CA LEU B 200 40.50 -0.87 -2.37
C LEU B 200 41.89 -1.49 -2.36
N MET C 4 9.79 -41.92 -5.45
CA MET C 4 8.69 -42.16 -6.38
C MET C 4 8.84 -41.39 -7.70
N SER C 5 9.09 -40.08 -7.65
CA SER C 5 9.05 -39.24 -8.84
C SER C 5 10.44 -38.91 -9.38
N SER C 6 10.45 -38.51 -10.64
CA SER C 6 11.66 -38.19 -11.39
C SER C 6 11.99 -36.71 -11.44
N SER C 7 11.11 -35.85 -10.95
CA SER C 7 11.38 -34.43 -10.96
C SER C 7 10.97 -33.83 -9.63
N VAL C 8 11.36 -32.59 -9.41
CA VAL C 8 10.94 -31.85 -8.23
C VAL C 8 10.41 -30.50 -8.68
N PRO C 9 9.24 -30.08 -8.22
CA PRO C 9 8.69 -28.82 -8.70
C PRO C 9 9.41 -27.65 -8.06
N SER C 10 9.60 -26.60 -8.84
CA SER C 10 10.27 -25.44 -8.29
C SER C 10 9.40 -24.81 -7.20
N GLN C 11 10.07 -24.23 -6.21
CA GLN C 11 9.40 -23.60 -5.08
C GLN C 11 9.74 -22.12 -4.94
N LYS C 12 10.35 -21.50 -5.94
CA LYS C 12 10.74 -20.10 -5.85
C LYS C 12 9.51 -19.21 -5.80
N THR C 13 9.27 -18.55 -4.67
CA THR C 13 8.18 -17.60 -4.58
C THR C 13 8.39 -16.44 -5.56
N TYR C 14 7.34 -16.11 -6.30
CA TYR C 14 7.45 -15.23 -7.45
C TYR C 14 6.11 -14.54 -7.68
N GLN C 15 6.09 -13.21 -7.69
CA GLN C 15 4.84 -12.48 -7.72
C GLN C 15 4.34 -12.17 -9.12
N GLY C 16 5.22 -12.14 -10.09
CA GLY C 16 4.76 -12.02 -11.45
C GLY C 16 4.34 -10.61 -11.82
N SER C 17 3.54 -10.54 -12.87
CA SER C 17 3.21 -9.27 -13.48
CA SER C 17 3.21 -9.27 -13.50
C SER C 17 1.92 -8.65 -12.96
N TYR C 18 1.13 -9.40 -12.20
CA TYR C 18 -0.09 -8.87 -11.59
C TYR C 18 0.01 -8.81 -10.08
N GLY C 19 1.15 -9.13 -9.52
CA GLY C 19 1.33 -9.09 -8.08
C GLY C 19 0.57 -10.15 -7.33
N PHE C 20 0.88 -11.39 -7.62
CA PHE C 20 0.16 -12.49 -7.01
C PHE C 20 0.71 -12.78 -5.62
N ARG C 21 -0.15 -12.77 -4.61
CA ARG C 21 0.29 -13.27 -3.32
C ARG C 21 -0.89 -13.89 -2.59
N LEU C 22 -0.56 -14.62 -1.53
CA LEU C 22 -1.50 -15.36 -0.72
C LEU C 22 -1.67 -14.65 0.60
N GLY C 23 -2.91 -14.66 1.12
CA GLY C 23 -3.22 -14.08 2.40
C GLY C 23 -4.02 -15.07 3.24
N PHE C 24 -4.08 -14.77 4.53
CA PHE C 24 -4.75 -15.66 5.45
C PHE C 24 -5.47 -14.81 6.49
N LEU C 25 -6.35 -15.46 7.20
CA LEU C 25 -7.09 -14.82 8.27
C LEU C 25 -6.31 -14.94 9.54
N HIS C 26 -6.66 -14.09 10.49
CA HIS C 26 -6.02 -14.11 11.79
C HIS C 26 -6.94 -14.87 12.72
N SER C 27 -6.70 -16.17 12.80
CA SER C 27 -7.62 -17.05 13.49
C SER C 27 -7.29 -17.20 14.95
N GLY C 28 -6.03 -17.04 15.32
CA GLY C 28 -5.62 -17.31 16.67
C GLY C 28 -5.52 -18.80 16.93
N THR C 29 -5.04 -19.12 18.11
CA THR C 29 -4.74 -20.50 18.48
C THR C 29 -5.70 -20.96 19.56
N ALA C 30 -6.96 -20.54 19.45
CA ALA C 30 -7.94 -21.05 20.38
C ALA C 30 -8.13 -22.55 20.16
N LYS C 31 -8.66 -23.18 21.18
CA LYS C 31 -8.80 -24.62 21.14
C LYS C 31 -9.86 -25.09 20.15
N SER C 32 -10.67 -24.18 19.62
CA SER C 32 -11.77 -24.59 18.76
C SER C 32 -11.61 -24.12 17.31
N VAL C 33 -10.44 -23.60 16.92
CA VAL C 33 -10.22 -23.17 15.53
C VAL C 33 -9.98 -24.38 14.63
N THR C 34 -10.55 -24.32 13.42
CA THR C 34 -10.38 -25.38 12.44
C THR C 34 -9.09 -25.23 11.64
N SER C 35 -8.53 -24.03 11.58
CA SER C 35 -7.20 -23.82 11.02
C SER C 35 -6.67 -22.47 11.48
N THR C 36 -5.36 -22.35 11.53
CA THR C 36 -4.71 -21.10 11.92
C THR C 36 -3.35 -20.99 11.26
N TYR C 37 -2.99 -19.79 10.85
CA TYR C 37 -1.74 -19.55 10.15
C TYR C 37 -0.72 -18.90 11.08
N SER C 38 0.50 -19.47 11.11
CA SER C 38 1.56 -18.91 11.93
C SER C 38 2.39 -17.95 11.13
N PRO C 39 2.16 -16.65 11.27
CA PRO C 39 2.94 -15.70 10.48
C PRO C 39 4.43 -15.89 10.62
N ALA C 40 4.89 -16.36 11.77
CA ALA C 40 6.32 -16.54 11.98
C ALA C 40 6.84 -17.81 11.31
N LEU C 41 6.04 -18.86 11.30
CA LEU C 41 6.42 -20.10 10.66
C LEU C 41 6.12 -20.15 9.17
N ASN C 42 5.31 -19.22 8.65
CA ASN C 42 4.81 -19.33 7.28
C ASN C 42 4.27 -20.72 7.06
N LYS C 43 3.60 -21.22 8.08
CA LYS C 43 3.16 -22.59 8.17
C LYS C 43 1.72 -22.58 8.62
N LEU C 44 0.90 -23.39 7.97
CA LEU C 44 -0.51 -23.47 8.33
C LEU C 44 -0.75 -24.71 9.19
N PHE C 45 -1.52 -24.54 10.26
CA PHE C 45 -1.85 -25.63 11.14
C PHE C 45 -3.35 -25.89 11.02
N CYS C 46 -3.70 -27.14 10.73
CA CYS C 46 -5.08 -27.44 10.43
C CYS C 46 -5.40 -28.87 10.83
N GLN C 47 -6.68 -29.12 10.91
CA GLN C 47 -7.24 -30.42 11.16
C GLN C 47 -7.47 -31.17 9.85
N LEU C 48 -7.74 -32.45 9.97
CA LEU C 48 -7.98 -33.28 8.80
C LEU C 48 -9.39 -33.04 8.27
N ALA C 49 -9.49 -32.60 7.02
CA ALA C 49 -10.77 -32.43 6.33
C ALA C 49 -11.59 -31.24 6.80
N LYS C 50 -11.05 -30.39 7.68
CA LYS C 50 -11.74 -29.18 8.07
C LYS C 50 -11.34 -28.03 7.13
N THR C 51 -12.21 -27.04 7.05
CA THR C 51 -12.11 -26.03 6.02
C THR C 51 -10.94 -25.11 6.29
N CYS C 52 -10.14 -24.87 5.26
CA CYS C 52 -9.03 -23.92 5.32
C CYS C 52 -9.21 -22.86 4.24
N PRO C 53 -9.68 -21.67 4.57
CA PRO C 53 -9.81 -20.61 3.57
C PRO C 53 -8.48 -19.88 3.35
N VAL C 54 -8.15 -19.66 2.08
CA VAL C 54 -6.97 -18.91 1.69
C VAL C 54 -7.39 -17.77 0.78
N GLN C 55 -6.82 -16.60 0.99
CA GLN C 55 -7.16 -15.46 0.18
C GLN C 55 -6.11 -15.27 -0.89
N LEU C 56 -6.53 -14.72 -2.01
CA LEU C 56 -5.65 -14.35 -3.09
C LEU C 56 -5.75 -12.86 -3.35
N TRP C 57 -4.62 -12.30 -3.76
CA TRP C 57 -4.48 -10.89 -4.07
C TRP C 57 -3.67 -10.74 -5.34
N VAL C 58 -4.14 -9.89 -6.24
CA VAL C 58 -3.38 -9.36 -7.36
C VAL C 58 -3.64 -7.87 -7.40
N ASP C 59 -2.85 -7.18 -8.20
CA ASP C 59 -2.94 -5.73 -8.35
C ASP C 59 -3.68 -5.32 -9.60
N SER C 60 -3.31 -5.90 -10.73
CA SER C 60 -3.84 -5.54 -12.03
CA SER C 60 -3.84 -5.54 -12.03
C SER C 60 -4.74 -6.66 -12.54
N THR C 61 -5.36 -6.41 -13.68
CA THR C 61 -6.31 -7.36 -14.25
C THR C 61 -5.58 -8.51 -14.95
N PRO C 62 -5.79 -9.74 -14.54
CA PRO C 62 -5.17 -10.85 -15.20
C PRO C 62 -5.97 -11.23 -16.43
N PRO C 63 -5.39 -12.02 -17.31
CA PRO C 63 -6.11 -12.46 -18.48
C PRO C 63 -7.30 -13.32 -18.09
N PRO C 64 -8.30 -13.45 -18.95
CA PRO C 64 -9.39 -14.37 -18.68
C PRO C 64 -8.91 -15.80 -18.80
N GLY C 65 -9.64 -16.70 -18.14
CA GLY C 65 -9.29 -18.10 -18.18
C GLY C 65 -8.10 -18.44 -17.33
N THR C 66 -7.79 -17.61 -16.37
CA THR C 66 -6.72 -17.89 -15.44
C THR C 66 -7.22 -18.86 -14.39
N ARG C 67 -6.34 -19.74 -13.92
CA ARG C 67 -6.68 -20.79 -12.99
C ARG C 67 -5.66 -20.81 -11.86
N VAL C 68 -6.09 -21.36 -10.73
CA VAL C 68 -5.35 -21.36 -9.47
CA VAL C 68 -5.33 -21.36 -9.48
C VAL C 68 -5.16 -22.81 -9.03
N ARG C 69 -3.91 -23.27 -8.99
CA ARG C 69 -3.56 -24.66 -8.74
C ARG C 69 -2.76 -24.81 -7.46
N ALA C 70 -3.05 -25.87 -6.71
CA ALA C 70 -2.36 -26.17 -5.47
C ALA C 70 -1.57 -27.47 -5.56
N MET C 71 -0.45 -27.55 -4.83
CA MET C 71 0.31 -28.79 -4.82
C MET C 71 1.06 -28.90 -3.49
N ALA C 72 1.39 -30.13 -3.10
CA ALA C 72 2.10 -30.40 -1.87
C ALA C 72 3.40 -31.15 -2.15
N ILE C 73 4.48 -30.78 -1.47
CA ILE C 73 5.72 -31.53 -1.56
C ILE C 73 6.37 -31.62 -0.19
N TYR C 74 7.05 -32.73 0.07
CA TYR C 74 7.71 -32.88 1.35
C TYR C 74 8.82 -31.84 1.47
N LYS C 75 9.10 -31.44 2.71
CA LYS C 75 9.92 -30.25 2.91
C LYS C 75 11.43 -30.55 2.84
N GLN C 76 11.89 -31.65 3.43
CA GLN C 76 13.33 -31.86 3.56
C GLN C 76 13.96 -32.41 2.29
N SER C 77 15.23 -32.08 2.09
CA SER C 77 15.91 -32.47 0.86
CA SER C 77 15.89 -32.46 0.86
C SER C 77 15.86 -33.97 0.61
N GLN C 78 15.71 -34.79 1.64
N GLN C 78 15.71 -34.78 1.65
CA GLN C 78 15.78 -36.23 1.48
CA GLN C 78 15.78 -36.23 1.49
C GLN C 78 14.43 -36.87 1.15
C GLN C 78 14.45 -36.86 1.11
N HIS C 79 13.40 -36.07 0.88
CA HIS C 79 12.10 -36.64 0.54
C HIS C 79 11.35 -35.94 -0.56
N MET C 80 11.80 -34.79 -1.05
CA MET C 80 10.92 -34.01 -1.90
C MET C 80 10.77 -34.59 -3.29
N THR C 81 11.21 -35.81 -3.56
CA THR C 81 10.85 -36.46 -4.81
C THR C 81 9.78 -37.51 -4.61
N GLU C 82 9.49 -37.87 -3.37
CA GLU C 82 8.43 -38.83 -3.11
C GLU C 82 7.10 -38.14 -3.29
N VAL C 83 6.19 -38.79 -4.00
CA VAL C 83 4.89 -38.19 -4.24
C VAL C 83 4.07 -38.20 -2.96
N VAL C 84 3.41 -37.07 -2.68
CA VAL C 84 2.56 -36.94 -1.50
C VAL C 84 1.15 -37.39 -1.87
N ARG C 85 0.61 -38.32 -1.09
CA ARG C 85 -0.68 -38.92 -1.35
C ARG C 85 -1.27 -39.38 -0.04
N ARG C 86 -2.56 -39.67 -0.04
CA ARG C 86 -3.14 -40.14 1.20
C ARG C 86 -2.61 -41.53 1.53
N CYS C 87 -2.65 -41.87 2.80
CA CYS C 87 -2.14 -43.16 3.24
C CYS C 87 -3.15 -44.26 2.96
N PRO C 88 -2.69 -45.51 2.97
CA PRO C 88 -3.59 -46.62 2.63
C PRO C 88 -4.92 -46.58 3.36
N HIS C 89 -4.86 -46.29 4.66
CA HIS C 89 -6.06 -46.24 5.46
C HIS C 89 -7.01 -45.15 4.97
N HIS C 90 -6.49 -43.93 4.81
CA HIS C 90 -7.38 -42.85 4.41
C HIS C 90 -7.80 -43.04 2.97
N GLU C 91 -6.86 -43.42 2.10
CA GLU C 91 -7.21 -43.73 0.72
C GLU C 91 -8.41 -44.67 0.66
N ARG C 92 -8.48 -45.63 1.57
CA ARG C 92 -9.60 -46.57 1.64
C ARG C 92 -10.53 -46.23 2.80
N SER C 93 -11.23 -45.11 2.70
N SER C 93 -11.22 -45.10 2.68
CA SER C 93 -12.15 -44.72 3.77
CA SER C 93 -12.12 -44.64 3.75
C SER C 93 -13.56 -44.41 3.31
C SER C 93 -13.56 -44.44 3.30
N SER C 94 -13.81 -44.28 2.00
CA SER C 94 -15.18 -44.09 1.50
C SER C 94 -15.86 -42.89 2.15
N ASP C 95 -15.11 -41.79 2.27
CA ASP C 95 -15.63 -40.47 2.59
C ASP C 95 -15.52 -39.53 1.40
N SER C 96 -15.28 -40.07 0.22
CA SER C 96 -15.04 -39.25 -0.94
C SER C 96 -16.17 -38.27 -1.18
N ASP C 97 -15.81 -37.11 -1.73
CA ASP C 97 -16.80 -36.11 -2.08
C ASP C 97 -17.39 -36.37 -3.46
N GLY C 98 -16.89 -37.37 -4.16
CA GLY C 98 -17.30 -37.58 -5.53
C GLY C 98 -16.44 -36.91 -6.57
N LEU C 99 -15.41 -36.18 -6.17
CA LEU C 99 -14.55 -35.52 -7.14
C LEU C 99 -13.07 -35.70 -6.88
N ALA C 100 -12.67 -35.66 -5.67
CA ALA C 100 -11.24 -35.72 -5.48
C ALA C 100 -10.76 -37.16 -5.63
N PRO C 101 -9.62 -37.36 -6.29
CA PRO C 101 -8.98 -38.66 -6.31
C PRO C 101 -8.74 -39.18 -4.91
N PRO C 102 -9.07 -40.44 -4.64
CA PRO C 102 -8.96 -40.95 -3.27
C PRO C 102 -7.56 -40.89 -2.72
N GLN C 103 -6.55 -40.70 -3.57
CA GLN C 103 -5.18 -40.55 -3.12
C GLN C 103 -4.72 -39.11 -3.14
N HIS C 104 -5.63 -38.17 -3.40
CA HIS C 104 -5.27 -36.76 -3.41
C HIS C 104 -5.39 -36.16 -2.03
N LEU C 105 -4.35 -35.44 -1.60
CA LEU C 105 -4.28 -34.88 -0.26
C LEU C 105 -5.10 -33.62 -0.12
N ILE C 106 -5.00 -32.72 -1.09
CA ILE C 106 -5.64 -31.42 -1.02
C ILE C 106 -6.89 -31.46 -1.88
N ARG C 107 -8.00 -31.13 -1.26
CA ARG C 107 -9.27 -30.97 -1.92
C ARG C 107 -9.64 -29.51 -1.92
N VAL C 108 -10.44 -29.10 -2.87
CA VAL C 108 -11.06 -27.79 -2.80
C VAL C 108 -12.49 -28.02 -2.41
N GLU C 109 -12.92 -27.37 -1.35
CA GLU C 109 -14.28 -27.56 -0.87
C GLU C 109 -15.11 -26.37 -1.32
N GLY C 110 -16.30 -26.66 -1.85
CA GLY C 110 -17.26 -25.66 -2.23
C GLY C 110 -17.13 -25.05 -3.61
N ASN C 111 -16.44 -25.69 -4.54
CA ASN C 111 -16.38 -25.21 -5.92
C ASN C 111 -16.73 -26.34 -6.86
N LEU C 112 -17.73 -26.13 -7.72
CA LEU C 112 -18.13 -27.16 -8.66
C LEU C 112 -17.30 -27.18 -9.94
N ARG C 113 -16.35 -26.26 -10.09
CA ARG C 113 -15.48 -26.24 -11.25
C ARG C 113 -14.05 -26.61 -10.89
N VAL C 114 -13.89 -27.39 -9.83
CA VAL C 114 -12.57 -27.89 -9.47
C VAL C 114 -12.12 -28.95 -10.47
N GLU C 115 -10.81 -29.12 -10.55
CA GLU C 115 -10.24 -30.08 -11.47
C GLU C 115 -9.08 -30.77 -10.79
N TYR C 116 -9.06 -32.08 -10.85
CA TYR C 116 -7.97 -32.85 -10.27
C TYR C 116 -7.16 -33.48 -11.38
N LEU C 117 -5.85 -33.49 -11.20
CA LEU C 117 -4.90 -34.00 -12.17
C LEU C 117 -3.95 -34.94 -11.47
N ASP C 118 -3.72 -36.10 -12.08
CA ASP C 118 -2.56 -36.92 -11.81
C ASP C 118 -1.64 -36.78 -13.01
N ASP C 119 -0.41 -36.39 -12.78
CA ASP C 119 0.47 -36.00 -13.87
C ASP C 119 1.20 -37.22 -14.42
N ARG C 120 1.09 -37.41 -15.72
CA ARG C 120 1.54 -38.62 -16.38
C ARG C 120 3.04 -38.73 -16.38
N ASN C 121 3.74 -37.63 -16.18
CA ASN C 121 5.20 -37.59 -16.20
C ASN C 121 5.77 -37.27 -14.83
N THR C 122 5.17 -36.34 -14.11
CA THR C 122 5.61 -36.13 -12.75
C THR C 122 4.95 -37.09 -11.80
N PHE C 123 3.78 -37.60 -12.15
CA PHE C 123 3.01 -38.51 -11.32
C PHE C 123 2.42 -37.78 -10.13
N ARG C 124 2.40 -36.46 -10.17
CA ARG C 124 2.01 -35.68 -9.01
C ARG C 124 0.53 -35.28 -9.07
N HIS C 125 -0.12 -35.36 -7.92
CA HIS C 125 -1.50 -34.95 -7.78
C HIS C 125 -1.59 -33.45 -7.62
N SER C 126 -2.63 -32.84 -8.21
CA SER C 126 -2.88 -31.43 -7.99
C SER C 126 -4.35 -31.11 -8.27
N VAL C 127 -4.84 -30.06 -7.62
CA VAL C 127 -6.20 -29.55 -7.77
C VAL C 127 -6.14 -28.09 -8.18
N VAL C 128 -6.90 -27.73 -9.20
CA VAL C 128 -6.91 -26.38 -9.75
C VAL C 128 -8.36 -25.94 -9.97
N VAL C 129 -8.64 -24.66 -9.73
CA VAL C 129 -9.96 -24.10 -9.96
C VAL C 129 -9.82 -22.81 -10.75
N PRO C 130 -10.90 -22.23 -11.27
CA PRO C 130 -10.79 -20.95 -11.96
C PRO C 130 -10.58 -19.81 -10.98
N CYS C 131 -9.92 -18.77 -11.43
CA CYS C 131 -9.69 -17.58 -10.62
C CYS C 131 -10.85 -16.61 -10.76
N GLU C 132 -11.48 -16.26 -9.64
CA GLU C 132 -12.62 -15.36 -9.69
C GLU C 132 -12.34 -14.12 -8.87
N PRO C 133 -12.83 -12.98 -9.32
CA PRO C 133 -12.53 -11.74 -8.65
C PRO C 133 -13.13 -11.74 -7.27
N PRO C 134 -12.73 -10.82 -6.41
CA PRO C 134 -13.25 -10.83 -5.05
C PRO C 134 -14.75 -10.59 -5.11
N GLU C 135 -15.46 -11.20 -4.18
CA GLU C 135 -16.87 -10.93 -4.10
C GLU C 135 -17.06 -9.42 -4.09
N VAL C 136 -18.26 -8.95 -4.42
CA VAL C 136 -18.52 -7.52 -4.34
C VAL C 136 -18.15 -7.02 -2.95
N GLY C 137 -17.61 -5.82 -2.89
CA GLY C 137 -17.18 -5.30 -1.60
C GLY C 137 -15.85 -5.81 -1.12
N SER C 138 -15.57 -7.10 -1.26
CA SER C 138 -14.29 -7.61 -0.82
C SER C 138 -13.21 -7.17 -1.78
N ASP C 139 -11.98 -7.48 -1.42
CA ASP C 139 -10.83 -7.17 -2.23
C ASP C 139 -9.93 -8.39 -2.44
N SER C 140 -10.35 -9.57 -1.99
CA SER C 140 -9.55 -10.76 -2.10
C SER C 140 -10.46 -11.93 -2.43
N THR C 141 -9.86 -13.01 -2.95
CA THR C 141 -10.64 -14.18 -3.31
C THR C 141 -10.32 -15.32 -2.34
N THR C 142 -11.35 -15.90 -1.73
CA THR C 142 -11.17 -17.00 -0.80
CA THR C 142 -11.17 -17.00 -0.80
C THR C 142 -11.37 -18.32 -1.51
N ILE C 143 -10.44 -19.25 -1.30
CA ILE C 143 -10.57 -20.62 -1.73
C ILE C 143 -10.61 -21.50 -0.50
N HIS C 144 -11.58 -22.41 -0.45
CA HIS C 144 -11.74 -23.26 0.72
C HIS C 144 -11.15 -24.63 0.41
N TYR C 145 -9.98 -24.89 0.99
CA TYR C 145 -9.24 -26.12 0.81
C TYR C 145 -9.52 -27.08 1.96
N ASN C 146 -9.16 -28.34 1.75
CA ASN C 146 -9.18 -29.35 2.78
C ASN C 146 -7.94 -30.21 2.63
N TYR C 147 -7.48 -30.74 3.75
CA TYR C 147 -6.32 -31.62 3.83
C TYR C 147 -6.78 -32.94 4.45
N MET C 148 -6.54 -34.04 3.76
CA MET C 148 -7.25 -35.29 4.02
C MET C 148 -6.46 -36.33 4.81
N CYS C 149 -5.29 -35.95 5.34
CA CYS C 149 -4.51 -36.82 6.20
C CYS C 149 -3.89 -36.02 7.34
N TYR C 150 -3.66 -36.69 8.45
CA TYR C 150 -2.84 -36.10 9.50
C TYR C 150 -1.39 -36.12 9.06
N SER C 151 -0.62 -35.14 9.50
CA SER C 151 0.79 -35.13 9.15
C SER C 151 1.50 -36.38 9.64
N SER C 152 0.99 -37.00 10.69
CA SER C 152 1.63 -38.17 11.29
C SER C 152 1.17 -39.49 10.68
N CYS C 153 0.44 -39.46 9.58
CA CYS C 153 -0.12 -40.69 9.03
C CYS C 153 0.97 -41.62 8.52
N MET C 154 1.01 -42.83 9.05
CA MET C 154 1.93 -43.84 8.57
C MET C 154 1.56 -44.22 7.13
N GLY C 155 2.57 -44.59 6.36
CA GLY C 155 2.38 -44.77 4.94
C GLY C 155 2.08 -43.50 4.19
N GLY C 156 1.83 -42.41 4.92
CA GLY C 156 1.72 -41.11 4.29
C GLY C 156 2.94 -40.27 4.58
N MET C 157 2.74 -39.04 5.08
CA MET C 157 3.88 -38.21 5.39
C MET C 157 4.68 -38.80 6.52
N ASN C 158 4.05 -39.58 7.38
N ASN C 158 4.04 -39.55 7.40
CA ASN C 158 4.72 -40.21 8.51
CA ASN C 158 4.74 -40.22 8.50
C ASN C 158 5.47 -39.16 9.31
C ASN C 158 5.44 -39.20 9.39
N ARG C 159 4.82 -38.04 9.57
CA ARG C 159 5.44 -36.94 10.28
C ARG C 159 6.48 -36.25 9.43
N ARG C 160 6.24 -36.19 8.20
CA ARG C 160 7.16 -35.40 7.42
C ARG C 160 6.50 -34.08 7.09
N PRO C 161 7.12 -32.95 7.39
CA PRO C 161 6.53 -31.68 7.01
CA PRO C 161 6.53 -31.67 7.02
C PRO C 161 6.28 -31.64 5.52
N ILE C 162 5.48 -30.66 5.09
CA ILE C 162 5.19 -30.48 3.69
C ILE C 162 5.01 -29.01 3.40
N LEU C 163 5.14 -28.69 2.13
CA LEU C 163 4.89 -27.37 1.61
C LEU C 163 3.64 -27.43 0.74
N THR C 164 2.83 -26.36 0.81
CA THR C 164 1.73 -26.14 -0.12
C THR C 164 2.14 -25.02 -1.06
N ILE C 165 2.16 -25.33 -2.35
CA ILE C 165 2.59 -24.40 -3.40
C ILE C 165 1.37 -24.04 -4.20
N ILE C 166 1.00 -22.78 -4.18
CA ILE C 166 -0.09 -22.27 -4.98
C ILE C 166 0.53 -21.59 -6.18
N THR C 167 0.20 -22.09 -7.35
CA THR C 167 0.69 -21.59 -8.63
CA THR C 167 0.70 -21.59 -8.62
C THR C 167 -0.47 -21.05 -9.44
N LEU C 168 -0.29 -19.89 -9.99
CA LEU C 168 -1.28 -19.25 -10.83
C LEU C 168 -0.90 -19.52 -12.27
N GLU C 169 -1.88 -19.89 -13.10
CA GLU C 169 -1.65 -20.14 -14.52
C GLU C 169 -2.66 -19.40 -15.37
N ASP C 170 -2.32 -19.23 -16.63
CA ASP C 170 -3.28 -18.74 -17.61
C ASP C 170 -4.15 -19.88 -18.11
N SER C 171 -5.09 -19.54 -18.99
CA SER C 171 -5.95 -20.54 -19.61
C SER C 171 -5.15 -21.66 -20.24
N SER C 172 -4.02 -21.33 -20.84
CA SER C 172 -3.19 -22.29 -21.55
C SER C 172 -2.16 -22.99 -20.68
N GLY C 173 -2.15 -22.75 -19.38
CA GLY C 173 -1.34 -23.56 -18.50
C GLY C 173 0.02 -23.00 -18.18
N ASN C 174 0.29 -21.74 -18.50
CA ASN C 174 1.60 -21.15 -18.27
C ASN C 174 1.62 -20.36 -16.97
N LEU C 175 2.81 -20.30 -16.36
CA LEU C 175 3.01 -19.78 -15.02
C LEU C 175 2.93 -18.26 -14.99
N LEU C 176 2.14 -17.72 -14.06
CA LEU C 176 2.10 -16.29 -13.83
C LEU C 176 2.64 -15.87 -12.47
N GLY C 177 2.66 -16.78 -11.50
CA GLY C 177 3.24 -16.48 -10.21
C GLY C 177 3.04 -17.66 -9.29
N ARG C 178 3.87 -17.68 -8.25
CA ARG C 178 3.86 -18.76 -7.26
C ARG C 178 4.00 -18.18 -5.86
N ASP C 179 3.45 -18.91 -4.89
CA ASP C 179 3.59 -18.65 -3.47
C ASP C 179 3.30 -19.97 -2.79
N SER C 180 3.70 -20.09 -1.53
CA SER C 180 3.63 -21.37 -0.87
C SER C 180 3.67 -21.18 0.64
N PHE C 181 3.59 -22.30 1.34
CA PHE C 181 3.73 -22.32 2.79
C PHE C 181 3.76 -23.77 3.21
N GLU C 182 4.09 -23.98 4.47
CA GLU C 182 4.11 -25.31 5.05
CA GLU C 182 4.13 -25.31 5.06
C GLU C 182 2.80 -25.58 5.76
N VAL C 183 2.53 -26.85 6.00
CA VAL C 183 1.28 -27.27 6.61
C VAL C 183 1.58 -28.35 7.63
N ARG C 184 0.82 -28.34 8.73
CA ARG C 184 0.80 -29.44 9.66
C ARG C 184 -0.64 -29.75 10.01
N VAL C 185 -1.05 -30.98 9.75
CA VAL C 185 -2.39 -31.45 10.05
C VAL C 185 -2.35 -32.24 11.34
N SER C 186 -3.23 -31.90 12.26
CA SER C 186 -3.34 -32.60 13.52
C SER C 186 -4.74 -32.35 14.05
N ALA C 187 -5.05 -33.04 15.13
CA ALA C 187 -6.34 -32.87 15.79
C ALA C 187 -6.43 -31.57 16.58
N SER C 188 -5.30 -30.93 16.89
CA SER C 188 -5.24 -29.77 17.77
C SER C 188 -4.41 -28.67 17.15
N PRO C 189 -4.93 -27.98 16.13
CA PRO C 189 -4.09 -27.01 15.41
C PRO C 189 -3.70 -25.78 16.21
N GLY C 190 -4.56 -25.28 17.09
CA GLY C 190 -4.21 -24.09 17.86
C GLY C 190 -3.10 -24.36 18.85
N ARG C 191 -3.21 -25.48 19.58
CA ARG C 191 -2.20 -25.83 20.55
C ARG C 191 -0.89 -26.24 19.89
N ASP C 192 -0.95 -26.91 18.75
CA ASP C 192 0.30 -27.23 18.08
C ASP C 192 0.97 -25.96 17.58
N ARG C 193 0.19 -25.01 17.05
CA ARG C 193 0.80 -23.77 16.58
C ARG C 193 1.45 -23.02 17.73
N ARG C 194 0.72 -22.91 18.84
CA ARG C 194 1.25 -22.32 20.06
C ARG C 194 2.58 -22.97 20.42
N THR C 195 2.62 -24.30 20.42
CA THR C 195 3.82 -25.00 20.84
C THR C 195 4.97 -24.77 19.88
N GLU C 196 4.70 -24.81 18.58
CA GLU C 196 5.78 -24.64 17.62
C GLU C 196 6.33 -23.24 17.61
N GLU C 197 5.49 -22.25 17.91
CA GLU C 197 5.98 -20.90 17.99
C GLU C 197 6.78 -20.68 19.27
N GLU C 198 6.41 -21.37 20.35
CA GLU C 198 7.24 -21.28 21.54
C GLU C 198 8.67 -21.69 21.24
N ASN C 199 8.84 -22.84 20.59
CA ASN C 199 10.15 -23.41 20.32
C ASN C 199 11.01 -22.52 19.45
N LEU C 200 10.45 -21.43 18.98
CA LEU C 200 11.10 -20.53 18.05
C LEU C 200 12.27 -19.81 18.67
N MET D 4 -28.22 31.11 -13.40
CA MET D 4 -28.83 30.09 -14.23
C MET D 4 -29.67 29.04 -13.47
N SER D 5 -29.05 28.34 -12.51
CA SER D 5 -29.64 27.19 -11.87
C SER D 5 -30.13 27.46 -10.45
N SER D 6 -30.96 26.52 -9.96
CA SER D 6 -31.56 26.58 -8.64
C SER D 6 -30.80 25.80 -7.58
N SER D 7 -29.80 25.01 -7.96
CA SER D 7 -29.05 24.23 -6.99
C SER D 7 -27.56 24.37 -7.27
N VAL D 8 -26.77 23.91 -6.32
CA VAL D 8 -25.32 23.82 -6.47
C VAL D 8 -24.89 22.42 -6.03
N PRO D 9 -24.14 21.71 -6.87
CA PRO D 9 -23.78 20.33 -6.55
C PRO D 9 -22.65 20.22 -5.54
N SER D 10 -22.75 19.23 -4.66
CA SER D 10 -21.68 19.02 -3.71
C SER D 10 -20.41 18.53 -4.39
N GLN D 11 -19.27 18.98 -3.88
CA GLN D 11 -17.98 18.61 -4.42
C GLN D 11 -17.13 17.91 -3.38
N LYS D 12 -17.72 17.49 -2.26
CA LYS D 12 -16.95 16.92 -1.17
C LYS D 12 -16.27 15.64 -1.60
N THR D 13 -14.95 15.61 -1.52
CA THR D 13 -14.24 14.37 -1.75
C THR D 13 -14.78 13.31 -0.81
N TYR D 14 -15.10 12.16 -1.36
CA TYR D 14 -15.83 11.14 -0.63
C TYR D 14 -15.49 9.82 -1.30
N GLN D 15 -14.76 8.97 -0.59
CA GLN D 15 -14.18 7.79 -1.22
C GLN D 15 -15.08 6.59 -1.13
N GLY D 16 -15.95 6.56 -0.16
CA GLY D 16 -16.98 5.57 -0.09
C GLY D 16 -16.48 4.21 0.34
N SER D 17 -17.39 3.24 0.24
CA SER D 17 -17.08 1.87 0.62
CA SER D 17 -17.10 1.87 0.61
C SER D 17 -16.19 1.17 -0.39
N TYR D 18 -15.98 1.74 -1.56
CA TYR D 18 -15.12 1.13 -2.56
C TYR D 18 -13.84 1.91 -2.77
N GLY D 19 -13.60 2.96 -2.01
CA GLY D 19 -12.37 3.70 -2.15
C GLY D 19 -12.27 4.40 -3.48
N PHE D 20 -13.20 5.29 -3.78
CA PHE D 20 -13.22 5.92 -5.08
C PHE D 20 -12.18 7.03 -5.14
N ARG D 21 -11.25 6.96 -6.09
CA ARG D 21 -10.33 8.08 -6.27
C ARG D 21 -9.97 8.20 -7.74
N LEU D 22 -9.37 9.34 -8.08
CA LEU D 22 -8.93 9.64 -9.43
C LEU D 22 -7.41 9.65 -9.51
N GLY D 23 -6.91 9.21 -10.66
CA GLY D 23 -5.49 9.23 -10.95
C GLY D 23 -5.26 9.92 -12.29
N PHE D 24 -4.00 10.27 -12.52
CA PHE D 24 -3.63 11.03 -13.71
C PHE D 24 -2.28 10.58 -14.21
N LEU D 25 -1.94 11.05 -15.39
CA LEU D 25 -0.62 10.79 -15.93
C LEU D 25 0.35 11.84 -15.46
N HIS D 26 1.62 11.47 -15.43
CA HIS D 26 2.70 12.38 -15.10
C HIS D 26 3.43 12.69 -16.39
N SER D 27 2.93 13.72 -17.09
CA SER D 27 3.32 14.07 -18.45
C SER D 27 4.43 15.10 -18.50
N GLY D 28 4.54 15.95 -17.49
CA GLY D 28 5.45 17.07 -17.57
C GLY D 28 4.85 18.23 -18.34
N THR D 29 5.62 19.31 -18.39
CA THR D 29 5.16 20.56 -18.97
C THR D 29 5.93 20.90 -20.23
N ALA D 30 6.25 19.86 -21.01
CA ALA D 30 6.91 20.06 -22.28
C ALA D 30 6.01 20.83 -23.22
N LYS D 31 6.61 21.37 -24.29
CA LYS D 31 5.89 22.20 -25.24
C LYS D 31 4.83 21.44 -25.98
N SER D 32 4.91 20.12 -25.99
CA SER D 32 4.06 19.32 -26.85
C SER D 32 3.06 18.48 -26.08
N VAL D 33 2.85 18.77 -24.80
CA VAL D 33 1.83 18.07 -24.03
C VAL D 33 0.45 18.62 -24.38
N THR D 34 -0.51 17.72 -24.57
CA THR D 34 -1.87 18.15 -24.85
C THR D 34 -2.66 18.37 -23.59
N SER D 35 -2.26 17.75 -22.48
CA SER D 35 -2.84 18.00 -21.17
C SER D 35 -1.86 17.52 -20.12
N THR D 36 -1.90 18.17 -18.97
CA THR D 36 -1.01 17.86 -17.86
C THR D 36 -1.68 18.24 -16.55
N TYR D 37 -1.44 17.42 -15.52
CA TYR D 37 -2.06 17.60 -14.21
C TYR D 37 -1.09 18.20 -13.21
N SER D 38 -1.54 19.22 -12.51
CA SER D 38 -0.78 19.80 -11.41
C SER D 38 -1.19 19.19 -10.09
N PRO D 39 -0.42 18.22 -9.60
CA PRO D 39 -0.71 17.63 -8.29
C PRO D 39 -0.71 18.66 -7.20
N ALA D 40 0.16 19.66 -7.32
CA ALA D 40 0.26 20.65 -6.27
C ALA D 40 -0.91 21.59 -6.34
N LEU D 41 -1.32 21.93 -7.55
CA LEU D 41 -2.50 22.76 -7.74
C LEU D 41 -3.78 21.94 -7.69
N ASN D 42 -3.70 20.62 -7.80
CA ASN D 42 -4.87 19.78 -8.05
C ASN D 42 -5.68 20.33 -9.21
N LYS D 43 -4.97 20.69 -10.27
CA LYS D 43 -5.59 21.41 -11.36
C LYS D 43 -5.20 20.80 -12.69
N LEU D 44 -6.16 20.61 -13.57
CA LEU D 44 -5.90 20.04 -14.88
C LEU D 44 -5.75 21.13 -15.94
N PHE D 45 -4.72 20.99 -16.78
CA PHE D 45 -4.42 21.90 -17.87
C PHE D 45 -4.50 21.15 -19.18
N CYS D 46 -5.21 21.70 -20.17
CA CYS D 46 -5.38 20.95 -21.39
C CYS D 46 -5.63 21.87 -22.56
N GLN D 47 -5.52 21.28 -23.73
CA GLN D 47 -5.86 21.90 -25.00
C GLN D 47 -7.33 21.71 -25.29
N LEU D 48 -7.84 22.51 -26.20
CA LEU D 48 -9.26 22.50 -26.53
C LEU D 48 -9.57 21.27 -27.39
N ALA D 49 -10.42 20.39 -26.87
CA ALA D 49 -10.85 19.21 -27.60
C ALA D 49 -9.77 18.14 -27.66
N LYS D 50 -8.66 18.32 -26.95
CA LYS D 50 -7.61 17.32 -26.92
C LYS D 50 -7.91 16.28 -25.87
N THR D 51 -7.27 15.12 -26.02
CA THR D 51 -7.58 13.97 -25.18
C THR D 51 -7.00 14.16 -23.79
N CYS D 52 -7.84 13.98 -22.78
CA CYS D 52 -7.45 14.09 -21.38
C CYS D 52 -7.76 12.78 -20.68
N PRO D 53 -6.78 11.89 -20.47
CA PRO D 53 -7.09 10.63 -19.80
C PRO D 53 -7.14 10.84 -18.29
N VAL D 54 -8.20 10.33 -17.67
CA VAL D 54 -8.38 10.35 -16.24
C VAL D 54 -8.50 8.91 -15.78
N GLN D 55 -7.78 8.55 -14.73
CA GLN D 55 -7.85 7.20 -14.21
C GLN D 55 -8.80 7.17 -13.03
N LEU D 56 -9.43 6.04 -12.84
CA LEU D 56 -10.25 5.79 -11.69
C LEU D 56 -9.62 4.66 -10.92
N TRP D 57 -9.82 4.68 -9.61
CA TRP D 57 -9.28 3.67 -8.74
C TRP D 57 -10.32 3.33 -7.69
N VAL D 58 -10.50 2.03 -7.43
CA VAL D 58 -11.24 1.59 -6.26
C VAL D 58 -10.48 0.47 -5.57
N ASP D 59 -10.90 0.18 -4.35
CA ASP D 59 -10.25 -0.78 -3.48
C ASP D 59 -10.95 -2.12 -3.46
N SER D 60 -12.21 -2.18 -3.87
CA SER D 60 -12.95 -3.44 -3.86
CA SER D 60 -12.97 -3.42 -3.84
C SER D 60 -13.85 -3.51 -5.08
N THR D 61 -14.47 -4.67 -5.26
CA THR D 61 -15.28 -4.95 -6.44
C THR D 61 -16.61 -4.23 -6.36
N PRO D 62 -16.93 -3.37 -7.32
CA PRO D 62 -18.16 -2.62 -7.24
C PRO D 62 -19.33 -3.44 -7.71
N PRO D 63 -20.54 -3.03 -7.35
CA PRO D 63 -21.73 -3.72 -7.79
C PRO D 63 -21.85 -3.60 -9.29
N PRO D 64 -22.65 -4.45 -9.92
CA PRO D 64 -22.89 -4.29 -11.36
C PRO D 64 -23.73 -3.05 -11.67
N GLY D 65 -23.62 -2.61 -12.91
CA GLY D 65 -24.41 -1.46 -13.28
C GLY D 65 -23.93 -0.17 -12.68
N THR D 66 -22.68 -0.11 -12.28
CA THR D 66 -22.11 1.12 -11.78
C THR D 66 -21.74 2.01 -12.94
N ARG D 67 -21.91 3.31 -12.76
CA ARG D 67 -21.64 4.25 -13.83
C ARG D 67 -20.85 5.41 -13.26
N VAL D 68 -20.11 6.10 -14.11
CA VAL D 68 -19.26 7.21 -13.69
CA VAL D 68 -19.26 7.21 -13.69
C VAL D 68 -19.68 8.44 -14.50
N ARG D 69 -20.00 9.53 -13.79
CA ARG D 69 -20.57 10.72 -14.39
C ARG D 69 -19.73 11.93 -14.07
N ALA D 70 -19.56 12.81 -15.06
CA ALA D 70 -18.82 14.06 -14.91
C ALA D 70 -19.72 15.28 -15.10
N MET D 71 -19.39 16.33 -14.35
CA MET D 71 -20.15 17.58 -14.43
C MET D 71 -19.20 18.73 -14.08
N ALA D 72 -19.54 19.94 -14.52
CA ALA D 72 -18.73 21.13 -14.32
C ALA D 72 -19.48 22.21 -13.54
N ILE D 73 -18.79 22.88 -12.64
CA ILE D 73 -19.36 24.02 -11.93
C ILE D 73 -18.35 25.15 -11.84
N TYR D 74 -18.84 26.38 -11.81
CA TYR D 74 -17.93 27.50 -11.62
C TYR D 74 -17.38 27.50 -10.20
N LYS D 75 -16.14 27.99 -10.07
CA LYS D 75 -15.39 27.86 -8.84
C LYS D 75 -15.71 28.96 -7.83
N GLN D 76 -15.89 30.19 -8.29
CA GLN D 76 -16.07 31.31 -7.38
C GLN D 76 -17.51 31.37 -6.91
N SER D 77 -17.72 31.23 -5.60
CA SER D 77 -19.03 31.29 -4.99
CA SER D 77 -19.04 31.28 -4.99
C SER D 77 -19.97 32.25 -5.72
N GLN D 78 -19.48 33.43 -6.08
N GLN D 78 -19.46 33.40 -6.12
CA GLN D 78 -20.32 34.41 -6.75
CA GLN D 78 -20.27 34.42 -6.79
C GLN D 78 -20.69 33.98 -8.16
C GLN D 78 -20.72 33.97 -8.17
N HIS D 79 -20.28 32.78 -8.58
CA HIS D 79 -20.48 32.30 -9.93
C HIS D 79 -20.98 30.87 -10.02
N MET D 80 -21.28 30.21 -8.91
CA MET D 80 -21.49 28.78 -8.91
CA MET D 80 -21.48 28.78 -8.94
C MET D 80 -22.91 28.36 -9.28
N THR D 81 -23.84 29.29 -9.41
CA THR D 81 -25.21 28.93 -9.75
C THR D 81 -25.49 29.02 -11.25
N GLU D 82 -24.61 29.61 -12.04
CA GLU D 82 -24.74 29.61 -13.48
C GLU D 82 -24.27 28.28 -14.03
N VAL D 83 -24.98 27.78 -15.03
CA VAL D 83 -24.61 26.53 -15.65
C VAL D 83 -23.33 26.69 -16.47
N VAL D 84 -22.48 25.68 -16.43
CA VAL D 84 -21.27 25.65 -17.24
C VAL D 84 -21.60 24.98 -18.56
N ARG D 85 -21.39 25.70 -19.66
CA ARG D 85 -21.77 25.26 -21.00
C ARG D 85 -20.87 25.98 -21.99
N ARG D 86 -20.85 25.49 -23.23
CA ARG D 86 -20.03 26.16 -24.24
C ARG D 86 -20.62 27.51 -24.62
N CYS D 87 -19.76 28.37 -25.18
CA CYS D 87 -20.09 29.70 -25.62
C CYS D 87 -20.81 29.68 -26.95
N PRO D 88 -21.53 30.76 -27.26
CA PRO D 88 -22.33 30.80 -28.49
C PRO D 88 -21.56 30.42 -29.74
N HIS D 89 -20.35 30.92 -29.88
CA HIS D 89 -19.57 30.62 -31.06
C HIS D 89 -19.47 29.13 -31.23
N HIS D 90 -19.09 28.44 -30.17
CA HIS D 90 -18.87 27.01 -30.29
C HIS D 90 -20.18 26.26 -30.34
N GLU D 91 -21.13 26.60 -29.46
CA GLU D 91 -22.45 25.96 -29.54
C GLU D 91 -22.98 25.96 -30.96
N ARG D 92 -22.73 27.03 -31.70
CA ARG D 92 -23.18 27.09 -33.08
C ARG D 92 -22.20 26.43 -34.02
N SER D 93 -20.94 26.25 -33.59
N SER D 93 -20.95 26.26 -33.59
CA SER D 93 -19.94 25.64 -34.45
CA SER D 93 -19.93 25.63 -34.42
C SER D 93 -20.44 24.35 -35.08
C SER D 93 -20.40 24.32 -35.04
N SER D 94 -21.44 23.70 -34.51
CA SER D 94 -21.94 22.44 -35.06
C SER D 94 -20.80 21.46 -35.26
N ASP D 95 -19.94 21.36 -34.25
CA ASP D 95 -18.83 20.43 -34.26
C ASP D 95 -19.10 19.20 -33.43
N SER D 96 -20.35 19.00 -33.05
CA SER D 96 -20.69 17.82 -32.29
C SER D 96 -20.28 16.58 -33.09
N ASP D 97 -19.95 15.51 -32.37
CA ASP D 97 -19.55 14.26 -32.99
C ASP D 97 -20.74 13.45 -33.45
N GLY D 98 -21.93 14.01 -33.30
CA GLY D 98 -23.17 13.31 -33.53
C GLY D 98 -23.78 12.74 -32.27
N LEU D 99 -23.15 12.91 -31.15
CA LEU D 99 -23.65 12.41 -29.87
C LEU D 99 -23.66 13.47 -28.79
N ALA D 100 -22.67 14.31 -28.73
CA ALA D 100 -22.71 15.26 -27.63
C ALA D 100 -23.59 16.44 -28.01
N PRO D 101 -24.46 16.88 -27.10
CA PRO D 101 -25.18 18.12 -27.31
C PRO D 101 -24.23 19.29 -27.51
N PRO D 102 -24.46 20.11 -28.52
CA PRO D 102 -23.48 21.18 -28.82
C PRO D 102 -23.24 22.17 -27.70
N GLN D 103 -24.08 22.25 -26.68
CA GLN D 103 -23.89 23.22 -25.61
C GLN D 103 -23.23 22.63 -24.39
N HIS D 104 -22.86 21.36 -24.45
CA HIS D 104 -22.21 20.70 -23.32
C HIS D 104 -20.72 20.99 -23.35
N LEU D 105 -20.15 21.28 -22.20
CA LEU D 105 -18.73 21.61 -22.20
C LEU D 105 -17.86 20.36 -22.36
N ILE D 106 -18.17 19.30 -21.63
CA ILE D 106 -17.32 18.12 -21.52
C ILE D 106 -17.89 16.98 -22.36
N ARG D 107 -17.07 16.43 -23.24
CA ARG D 107 -17.39 15.21 -23.96
C ARG D 107 -16.52 14.07 -23.49
N VAL D 108 -17.02 12.86 -23.70
CA VAL D 108 -16.24 11.64 -23.53
C VAL D 108 -15.90 11.07 -24.92
N GLU D 109 -14.63 10.86 -25.18
CA GLU D 109 -14.20 10.45 -26.50
C GLU D 109 -13.95 8.95 -26.56
N GLY D 110 -14.41 8.32 -27.63
CA GLY D 110 -14.13 6.93 -27.87
C GLY D 110 -15.01 5.94 -27.17
N ASN D 111 -16.19 6.34 -26.72
CA ASN D 111 -17.10 5.42 -26.03
C ASN D 111 -18.45 5.47 -26.72
N LEU D 112 -18.89 4.33 -27.24
CA LEU D 112 -20.15 4.30 -27.95
C LEU D 112 -21.32 4.13 -27.01
N ARG D 113 -21.08 3.97 -25.74
CA ARG D 113 -22.17 3.85 -24.79
C ARG D 113 -22.21 5.03 -23.84
N VAL D 114 -21.71 6.18 -24.29
CA VAL D 114 -21.81 7.39 -23.49
C VAL D 114 -23.25 7.90 -23.51
N GLU D 115 -23.60 8.65 -22.48
CA GLU D 115 -24.93 9.20 -22.33
C GLU D 115 -24.78 10.63 -21.86
N TYR D 116 -25.50 11.54 -22.49
CA TYR D 116 -25.47 12.95 -22.12
C TYR D 116 -26.80 13.32 -21.49
N LEU D 117 -26.74 14.20 -20.50
CA LEU D 117 -27.93 14.58 -19.75
C LEU D 117 -28.05 16.09 -19.70
N ASP D 118 -29.25 16.59 -19.99
CA ASP D 118 -29.71 17.91 -19.60
C ASP D 118 -30.74 17.71 -18.50
N ASP D 119 -30.53 18.34 -17.34
CA ASP D 119 -31.36 18.12 -16.16
C ASP D 119 -32.51 19.12 -16.09
N ARG D 120 -33.73 18.61 -15.92
CA ARG D 120 -34.93 19.43 -16.01
C ARG D 120 -35.12 20.36 -14.83
N ASN D 121 -34.47 20.11 -13.71
CA ASN D 121 -34.67 20.92 -12.53
C ASN D 121 -33.43 21.72 -12.12
N THR D 122 -32.26 21.10 -12.20
CA THR D 122 -31.02 21.82 -11.96
C THR D 122 -30.49 22.50 -13.19
N PHE D 123 -30.87 22.03 -14.38
CA PHE D 123 -30.42 22.58 -15.64
C PHE D 123 -28.95 22.29 -15.92
N ARG D 124 -28.34 21.39 -15.19
CA ARG D 124 -26.91 21.16 -15.34
C ARG D 124 -26.65 20.03 -16.32
N HIS D 125 -25.67 20.25 -17.20
CA HIS D 125 -25.23 19.29 -18.19
C HIS D 125 -24.39 18.22 -17.52
N SER D 126 -24.46 16.99 -18.03
CA SER D 126 -23.54 16.00 -17.51
C SER D 126 -23.29 14.91 -18.55
N VAL D 127 -22.14 14.26 -18.45
CA VAL D 127 -21.83 13.15 -19.34
C VAL D 127 -21.43 11.94 -18.50
N VAL D 128 -22.08 10.80 -18.76
CA VAL D 128 -21.90 9.60 -17.94
C VAL D 128 -21.67 8.41 -18.83
N VAL D 129 -20.81 7.50 -18.37
CA VAL D 129 -20.59 6.25 -19.09
C VAL D 129 -20.63 5.12 -18.08
N PRO D 130 -20.72 3.88 -18.51
CA PRO D 130 -20.64 2.75 -17.57
C PRO D 130 -19.21 2.52 -17.11
N CYS D 131 -19.09 1.98 -15.92
CA CYS D 131 -17.79 1.71 -15.33
C CYS D 131 -17.29 0.31 -15.69
N GLU D 132 -16.08 0.25 -16.27
CA GLU D 132 -15.43 -0.96 -16.76
C GLU D 132 -14.09 -1.20 -16.06
N PRO D 133 -13.75 -2.46 -15.85
CA PRO D 133 -12.54 -2.80 -15.13
C PRO D 133 -11.32 -2.37 -15.92
N PRO D 134 -10.15 -2.39 -15.30
CA PRO D 134 -8.95 -1.96 -16.01
C PRO D 134 -8.65 -2.92 -17.13
N GLU D 135 -8.08 -2.41 -18.22
CA GLU D 135 -7.63 -3.35 -19.24
C GLU D 135 -6.76 -4.39 -18.56
N VAL D 136 -6.63 -5.56 -19.17
CA VAL D 136 -5.79 -6.59 -18.56
C VAL D 136 -4.42 -6.01 -18.30
N GLY D 137 -3.83 -6.41 -17.18
CA GLY D 137 -2.56 -5.84 -16.82
C GLY D 137 -2.70 -4.46 -16.23
N SER D 138 -3.72 -3.72 -16.63
CA SER D 138 -3.91 -2.39 -16.10
CA SER D 138 -3.93 -2.37 -16.11
C SER D 138 -4.57 -2.46 -14.74
N ASP D 139 -4.11 -1.59 -13.83
CA ASP D 139 -4.66 -1.55 -12.49
C ASP D 139 -5.63 -0.41 -12.32
N SER D 140 -5.97 0.30 -13.39
CA SER D 140 -6.92 1.40 -13.33
C SER D 140 -7.69 1.47 -14.64
N THR D 141 -8.78 2.22 -14.63
CA THR D 141 -9.59 2.47 -15.81
C THR D 141 -9.43 3.92 -16.23
N THR D 142 -9.06 4.12 -17.48
CA THR D 142 -8.88 5.43 -18.04
CA THR D 142 -8.87 5.44 -18.04
C THR D 142 -10.09 5.85 -18.84
N ILE D 143 -10.48 7.12 -18.68
CA ILE D 143 -11.55 7.74 -19.45
C ILE D 143 -10.97 8.95 -20.15
N HIS D 144 -11.20 9.06 -21.44
CA HIS D 144 -10.59 10.11 -22.25
C HIS D 144 -11.63 11.21 -22.42
N TYR D 145 -11.41 12.31 -21.72
CA TYR D 145 -12.32 13.44 -21.75
C TYR D 145 -11.85 14.47 -22.77
N ASN D 146 -12.76 15.37 -23.11
CA ASN D 146 -12.44 16.54 -23.91
C ASN D 146 -13.19 17.71 -23.34
N TYR D 147 -12.58 18.88 -23.46
CA TYR D 147 -13.19 20.12 -23.03
C TYR D 147 -13.33 21.01 -24.24
N MET D 148 -14.56 21.45 -24.51
CA MET D 148 -14.92 21.93 -25.82
C MET D 148 -14.95 23.45 -25.89
N CYS D 149 -14.60 24.13 -24.81
CA CYS D 149 -14.49 25.58 -24.79
C CYS D 149 -13.28 25.99 -23.97
N TYR D 150 -12.67 27.09 -24.37
CA TYR D 150 -11.55 27.68 -23.66
C TYR D 150 -11.97 28.37 -22.37
N SER D 151 -11.06 28.35 -21.39
CA SER D 151 -11.37 29.08 -20.16
C SER D 151 -11.59 30.55 -20.45
N SER D 152 -10.94 31.07 -21.49
CA SER D 152 -11.03 32.47 -21.89
C SER D 152 -12.17 32.73 -22.86
N CYS D 153 -13.05 31.77 -23.10
CA CYS D 153 -14.10 31.99 -24.08
C CYS D 153 -15.05 33.05 -23.55
N MET D 154 -15.21 34.13 -24.30
CA MET D 154 -16.20 35.14 -23.98
C MET D 154 -17.61 34.56 -24.15
N GLY D 155 -18.53 35.06 -23.34
CA GLY D 155 -19.83 34.44 -23.32
C GLY D 155 -19.84 33.04 -22.80
N GLY D 156 -18.66 32.44 -22.61
CA GLY D 156 -18.55 31.18 -21.94
C GLY D 156 -17.99 31.31 -20.55
N MET D 157 -16.92 30.57 -20.27
CA MET D 157 -16.31 30.66 -18.95
C MET D 157 -15.79 32.07 -18.69
N ASN D 158 -15.32 32.75 -19.74
N ASN D 158 -15.33 32.76 -19.74
CA ASN D 158 -14.90 34.13 -19.62
CA ASN D 158 -14.89 34.14 -19.62
C ASN D 158 -13.79 34.29 -18.57
C ASN D 158 -13.78 34.30 -18.57
N ARG D 159 -12.78 33.43 -18.66
CA ARG D 159 -11.68 33.41 -17.69
C ARG D 159 -12.14 33.00 -16.31
N ARG D 160 -13.14 32.25 -16.22
CA ARG D 160 -13.46 31.93 -14.85
C ARG D 160 -13.00 30.52 -14.54
N PRO D 161 -12.35 30.29 -13.41
CA PRO D 161 -11.96 28.93 -13.05
CA PRO D 161 -11.95 28.92 -13.06
C PRO D 161 -13.17 28.05 -12.80
N ILE D 162 -13.05 26.78 -13.16
CA ILE D 162 -14.13 25.83 -13.00
C ILE D 162 -13.61 24.56 -12.35
N LEU D 163 -14.56 23.76 -11.86
CA LEU D 163 -14.33 22.43 -11.36
C LEU D 163 -15.02 21.37 -12.20
N THR D 164 -14.36 20.23 -12.30
CA THR D 164 -14.94 18.99 -12.80
C THR D 164 -15.16 18.06 -11.61
N ILE D 165 -16.40 17.64 -11.41
CA ILE D 165 -16.80 16.75 -10.33
C ILE D 165 -17.12 15.45 -10.99
N ILE D 166 -16.34 14.41 -10.68
CA ILE D 166 -16.61 13.08 -11.16
C ILE D 166 -17.16 12.28 -10.01
N THR D 167 -18.38 11.83 -10.15
CA THR D 167 -19.04 11.06 -9.12
CA THR D 167 -19.05 11.07 -9.12
C THR D 167 -19.33 9.66 -9.64
N LEU D 168 -19.29 8.72 -8.72
CA LEU D 168 -19.59 7.33 -8.99
C LEU D 168 -21.03 7.07 -8.54
N GLU D 169 -21.81 6.37 -9.37
CA GLU D 169 -23.19 6.05 -9.03
C GLU D 169 -23.47 4.57 -9.27
N ASP D 170 -24.53 4.08 -8.63
CA ASP D 170 -25.02 2.76 -8.97
C ASP D 170 -25.90 2.83 -10.21
N SER D 171 -26.34 1.66 -10.68
CA SER D 171 -27.25 1.63 -11.80
C SER D 171 -28.47 2.51 -11.57
N SER D 172 -28.98 2.56 -10.35
CA SER D 172 -30.19 3.31 -10.03
C SER D 172 -29.94 4.79 -9.75
N GLY D 173 -28.70 5.26 -9.83
CA GLY D 173 -28.40 6.68 -9.77
C GLY D 173 -27.98 7.24 -8.42
N ASN D 174 -27.70 6.39 -7.44
CA ASN D 174 -27.33 6.83 -6.11
C ASN D 174 -25.82 6.88 -5.94
N LEU D 175 -25.37 7.73 -5.01
CA LEU D 175 -23.96 8.09 -4.89
C LEU D 175 -23.15 6.99 -4.24
N LEU D 176 -22.00 6.69 -4.82
CA LEU D 176 -21.04 5.76 -4.28
C LEU D 176 -19.70 6.40 -3.89
N GLY D 177 -19.34 7.53 -4.47
CA GLY D 177 -18.13 8.22 -4.11
C GLY D 177 -17.95 9.42 -5.00
N ARG D 178 -17.17 10.38 -4.53
CA ARG D 178 -16.96 11.61 -5.28
C ARG D 178 -15.51 12.05 -5.20
N ASP D 179 -15.07 12.71 -6.26
CA ASP D 179 -13.76 13.34 -6.35
C ASP D 179 -13.84 14.40 -7.42
N SER D 180 -12.88 15.30 -7.42
CA SER D 180 -12.95 16.47 -8.29
C SER D 180 -11.56 17.05 -8.44
N PHE D 181 -11.45 18.08 -9.27
CA PHE D 181 -10.20 18.78 -9.50
C PHE D 181 -10.49 20.02 -10.31
N GLU D 182 -9.62 21.01 -10.19
CA GLU D 182 -9.77 22.20 -11.00
CA GLU D 182 -9.75 22.21 -10.99
C GLU D 182 -9.23 21.94 -12.39
N VAL D 183 -9.55 22.84 -13.30
CA VAL D 183 -9.25 22.62 -14.70
C VAL D 183 -8.89 23.94 -15.35
N ARG D 184 -7.96 23.90 -16.29
CA ARG D 184 -7.70 25.01 -17.18
C ARG D 184 -7.47 24.52 -18.59
N VAL D 185 -8.25 25.05 -19.52
CA VAL D 185 -8.10 24.78 -20.93
C VAL D 185 -7.40 25.97 -21.54
N SER D 186 -6.32 25.70 -22.28
CA SER D 186 -5.60 26.76 -22.96
C SER D 186 -4.90 26.14 -24.14
N ALA D 187 -4.30 26.99 -24.95
CA ALA D 187 -3.53 26.53 -26.08
C ALA D 187 -2.18 25.99 -25.65
N SER D 188 -1.73 26.36 -24.46
CA SER D 188 -0.37 26.05 -23.99
C SER D 188 -0.47 25.43 -22.60
N PRO D 189 -0.90 24.17 -22.51
CA PRO D 189 -1.15 23.60 -21.17
C PRO D 189 0.12 23.36 -20.36
N GLY D 190 1.21 22.93 -21.00
CA GLY D 190 2.41 22.62 -20.24
C GLY D 190 3.07 23.86 -19.66
N ARG D 191 3.21 24.90 -20.48
CA ARG D 191 3.81 26.14 -20.00
C ARG D 191 2.91 26.81 -18.98
N ASP D 192 1.59 26.71 -19.14
CA ASP D 192 0.68 27.29 -18.17
C ASP D 192 0.82 26.62 -16.81
N ARG D 193 0.95 25.29 -16.79
CA ARG D 193 1.12 24.60 -15.50
C ARG D 193 2.44 24.98 -14.86
N ARG D 194 3.50 24.96 -15.65
CA ARG D 194 4.78 25.39 -15.12
C ARG D 194 4.63 26.74 -14.42
N THR D 195 4.08 27.72 -15.12
CA THR D 195 4.05 29.06 -14.54
C THR D 195 3.14 29.14 -13.34
N GLU D 196 2.01 28.47 -13.36
CA GLU D 196 1.15 28.59 -12.20
C GLU D 196 1.81 27.97 -10.98
N GLU D 197 2.61 26.92 -11.17
CA GLU D 197 3.30 26.34 -10.02
C GLU D 197 4.40 27.25 -9.55
N GLU D 198 5.01 27.98 -10.47
CA GLU D 198 6.03 28.95 -10.13
C GLU D 198 5.52 29.94 -9.07
N ASN D 199 4.31 30.46 -9.27
CA ASN D 199 3.69 31.42 -8.38
C ASN D 199 3.43 30.90 -6.98
N LEU D 200 3.69 29.64 -6.74
CA LEU D 200 3.35 29.02 -5.48
C LEU D 200 4.18 29.58 -4.33
ZN ZN E . -4.07 6.66 10.53
C10 R3R F . 5.18 -15.62 42.58
C13 R3R F . 4.93 -13.43 39.45
C15 R3R F . 4.73 -12.37 37.46
C17 R3R F . 4.96 -9.99 37.00
C02 R3R F . 4.22 -14.43 36.04
C03 R3R F . 4.06 -13.79 34.69
C04 R3R F . 2.93 -14.55 33.98
C06 R3R F . 4.66 -14.34 38.48
C07 R3R F . 4.53 -15.71 38.83
C08 R3R F . 4.71 -16.11 40.14
C09 R3R F . 4.98 -15.17 41.13
C12 R3R F . 5.11 -13.84 40.79
C14 R3R F . 5.00 -12.14 38.78
C16 R3R F . 4.73 -11.28 36.56
C18 R3R F . 5.22 -9.76 38.34
C19 R3R F . 5.24 -10.82 39.24
N05 R3R F . 4.53 -13.71 37.28
O01 R3R F . 4.07 -15.59 36.07
O11 R3R F . 4.78 -14.94 43.46
H101 R3R F . 5.60 -16.42 42.76
H171 R3R F . 4.96 -9.28 36.40
H032 R3R F . 4.89 -13.86 34.18
H031 R3R F . 3.83 -12.85 34.79
H042 R3R F . 3.14 -15.50 33.98
H041 R3R F . 2.86 -14.23 33.07
H043 R3R F . 2.10 -14.39 34.44
H071 R3R F . 4.35 -16.35 38.17
H081 R3R F . 4.63 -17.01 40.36
H121 R3R F . 5.30 -13.20 41.44
H161 R3R F . 4.55 -11.43 35.66
H181 R3R F . 5.38 -8.89 38.64
H191 R3R F . 5.40 -10.67 40.14
ZN ZN G . 11.41 -1.36 -2.00
C10 R3R H . 27.97 33.24 -12.50
C13 R3R H . 26.12 30.26 -10.87
C15 R3R H . 24.80 28.63 -10.03
C17 R3R H . 25.48 26.67 -8.72
C02 R3R H . 22.58 29.48 -10.87
C03 R3R H . 21.68 28.39 -10.30
C04 R3R H . 20.78 27.76 -11.37
C06 R3R H . 24.81 30.52 -11.20
C07 R3R H . 24.51 31.67 -11.96
C08 R3R H . 25.52 32.55 -12.37
C09 R3R H . 26.85 32.29 -12.04
C12 R3R H . 27.15 31.15 -11.29
C14 R3R H . 26.11 29.02 -10.10
C16 R3R H . 24.51 27.43 -9.33
C18 R3R H . 26.80 27.07 -8.80
C19 R3R H . 27.12 28.23 -9.50
N05 R3R H . 24.02 29.53 -10.69
O01 R3R H . 22.03 30.34 -11.46
O11 R3R H . 27.84 33.92 -13.45
H101 R3R H . 28.77 33.27 -12.02
H171 R3R H . 25.26 25.89 -8.26
H032 R3R H . 21.12 28.77 -9.60
H031 R3R H . 22.23 27.69 -9.91
H042 R3R H . 20.13 27.18 -10.95
H041 R3R H . 21.32 27.26 -12.00
H043 R3R H . 20.31 28.47 -11.85
H071 R3R H . 23.62 31.85 -12.19
H081 R3R H . 25.29 33.30 -12.87
H121 R3R H . 28.03 30.96 -11.06
H161 R3R H . 23.63 27.15 -9.28
H181 R3R H . 27.48 26.56 -8.42
H191 R3R H . 28.00 28.51 -9.56
ZN ZN I . -3.83 -40.96 6.58
C10 R3R J . -8.13 -4.71 -10.83
C13 R3R J . -8.30 -7.99 -8.88
C15 R3R J . -8.50 -10.04 -7.95
C17 R3R J . -7.95 -10.67 -5.64
C02 R3R J . -9.37 -11.27 -10.00
C03 R3R J . -9.50 -12.67 -9.43
C04 R3R J . -8.85 -13.69 -10.39
C06 R3R J . -8.78 -8.87 -9.81
C07 R3R J . -9.05 -8.39 -11.13
C08 R3R J . -8.84 -7.06 -11.45
C09 R3R J . -8.36 -6.18 -10.49
C12 R3R J . -8.10 -6.63 -9.21
C14 R3R J . -8.12 -8.75 -7.65
C16 R3R J . -8.42 -11.02 -6.91
C18 R3R J . -7.58 -9.37 -5.36
C19 R3R J . -7.65 -8.41 -6.36
N05 R3R J . -8.90 -10.11 -9.25
O01 R3R J . -9.67 -11.15 -11.13
O11 R3R J . -7.40 -4.09 -10.14
H101 R3R J . -8.53 -4.32 -11.58
H171 R3R J . -7.90 -11.32 -4.97
H032 R3R J . -10.44 -12.89 -9.33
H031 R3R J . -9.08 -12.71 -8.57
H042 R3R J . -9.19 -13.55 -11.29
H041 R3R J . -9.06 -14.58 -10.10
H043 R3R J . -7.89 -13.56 -10.39
H071 R3R J . -9.37 -8.98 -11.77
H081 R3R J . -9.02 -6.76 -12.31
H121 R3R J . -7.78 -6.04 -8.57
H161 R3R J . -8.67 -11.89 -7.09
H181 R3R J . -7.27 -9.14 -4.51
H191 R3R J . -7.39 -7.52 -6.18
ZN ZN K . -15.97 28.68 -26.80
C10 R3R L . -11.61 -6.51 -7.91
C13 R3R L . -11.63 -3.15 -9.76
C15 R3R L . -11.84 -1.25 -10.94
C17 R3R L . -10.31 0.66 -11.00
C02 R3R L . -14.07 -1.79 -12.07
C03 R3R L . -14.23 -0.51 -12.86
C04 R3R L . -15.72 -0.11 -12.96
C06 R3R L . -12.79 -3.20 -10.47
C07 R3R L . -13.61 -4.36 -10.36
C08 R3R L . -13.24 -5.41 -9.54
C09 R3R L . -12.05 -5.36 -8.81
C12 R3R L . -11.25 -4.23 -8.92
C14 R3R L . -11.01 -1.88 -10.06
C16 R3R L . -11.48 0.04 -11.41
C18 R3R L . -9.47 0.01 -10.11
C19 R3R L . -9.82 -1.24 -9.63
N05 R3R L . -12.93 -2.06 -11.19
O01 R3R L . -14.93 -2.59 -12.19
O11 R3R L . -12.08 -6.64 -6.83
H101 R3R L . -10.97 -7.11 -8.21
H171 R3R L . -10.08 1.51 -11.33
H032 R3R L . -13.74 0.21 -12.42
H031 R3R L . -13.87 -0.63 -13.75
H042 R3R L . -16.23 -0.86 -13.32
H041 R3R L . -15.81 0.65 -13.55
H043 R3R L . -16.06 0.12 -12.08
H071 R3R L . -14.40 -4.40 -10.85
H081 R3R L . -13.78 -6.16 -9.48
H121 R3R L . -10.46 -4.18 -8.43
H161 R3R L . -12.03 0.48 -12.01
H181 R3R L . -8.68 0.43 -9.82
H191 R3R L . -9.26 -1.68 -9.03
#